data_1E3I
#
_entry.id   1E3I
#
_cell.length_a   79.253
_cell.length_b   81.070
_cell.length_c   102.187
_cell.angle_alpha   90.00
_cell.angle_beta   90.00
_cell.angle_gamma   90.00
#
_symmetry.space_group_name_H-M   'P 21 21 21'
#
loop_
_entity.id
_entity.type
_entity.pdbx_description
1 polymer 'ALCOHOL DEHYDROGENASE, CLASS II'
2 non-polymer '1,4-DIHYDRONICOTINAMIDE ADENINE DINUCLEOTIDE'
3 non-polymer CYCLOHEXYLFORMAMIDE
4 non-polymer 'ZINC ION'
5 water water
#
_entity_poly.entity_id   1
_entity_poly.type   'polypeptide(L)'
_entity_poly.pdbx_seq_one_letter_code
;GTQGKVIKCKAAIAWKTGSPLCIEEIEVSPPKACEVRIQVIATCVCPTDINATDPKKKALFPVVLGHECAGIVESVGPGV
TNFKPGDKVIPFFAPQCKRCKLCLSPLTNLCGKLRNFKYPTIDQELMEDRTSRFTCKGRSIYHFMGVSSFSQYTVVSEAN
LARVDDEANLERVCLIGCGFSSGYGAAINTAKVTPGSTCAVFGLGCVGLSAIIGCKIAGASRIIAIDINGEKFPKAKALG
ATDCLNPRELDKPVQDVITELTAGGVDYSLDCAGTAQTLKAAVDCTVLGWGSCTVVGAKVDEMTIPTVDVILGRSINGTF
FGGWKSVDSVPNLVSDYKNKKFDLDLLVTHALPFESINDAIDLMKEGKSIRTILTF
;
_entity_poly.pdbx_strand_id   A,B
#
# COMPACT_ATOMS: atom_id res chain seq x y z
N GLY A 1 -31.41 31.99 21.65
CA GLY A 1 -30.54 31.71 20.47
C GLY A 1 -29.63 32.88 20.19
N THR A 2 -29.74 33.90 21.04
CA THR A 2 -28.94 35.10 20.90
C THR A 2 -27.50 34.81 21.30
N GLN A 3 -26.57 35.52 20.66
CA GLN A 3 -25.15 35.36 20.91
C GLN A 3 -24.77 35.65 22.34
N GLY A 4 -23.80 34.89 22.86
CA GLY A 4 -23.34 35.10 24.22
C GLY A 4 -24.17 34.35 25.24
N LYS A 5 -25.40 34.02 24.88
CA LYS A 5 -26.28 33.32 25.80
C LYS A 5 -26.32 31.83 25.50
N VAL A 6 -26.60 31.04 26.53
CA VAL A 6 -26.69 29.59 26.38
C VAL A 6 -27.97 29.30 25.60
N ILE A 7 -27.92 28.30 24.72
CA ILE A 7 -29.09 27.95 23.94
C ILE A 7 -29.69 26.64 24.39
N LYS A 8 -31.02 26.61 24.45
CA LYS A 8 -31.75 25.41 24.83
C LYS A 8 -32.40 24.95 23.55
N CYS A 9 -32.19 23.69 23.19
CA CYS A 9 -32.76 23.16 21.96
C CYS A 9 -32.81 21.65 22.00
N LYS A 10 -33.51 21.07 21.04
CA LYS A 10 -33.63 19.62 20.97
C LYS A 10 -32.36 18.98 20.42
N ALA A 11 -32.05 17.79 20.91
CA ALA A 11 -30.87 17.07 20.45
C ALA A 11 -31.03 15.61 20.77
N ALA A 12 -30.40 14.76 19.98
CA ALA A 12 -30.47 13.32 20.22
C ALA A 12 -29.23 12.94 21.00
N ILE A 13 -29.43 12.41 22.21
CA ILE A 13 -28.31 12.01 23.03
C ILE A 13 -28.25 10.49 23.23
N ALA A 14 -27.04 9.96 23.23
CA ALA A 14 -26.83 8.53 23.44
C ALA A 14 -26.27 8.42 24.85
N TRP A 15 -27.15 8.19 25.83
CA TRP A 15 -26.70 8.09 27.21
C TRP A 15 -25.77 6.91 27.46
N LYS A 16 -25.85 5.89 26.62
CA LYS A 16 -24.98 4.73 26.73
C LYS A 16 -25.05 3.83 25.52
N THR A 17 -24.07 2.94 25.41
CA THR A 17 -23.97 2.00 24.29
C THR A 17 -25.20 1.15 24.07
N GLY A 18 -25.20 0.43 22.95
CA GLY A 18 -26.29 -0.44 22.59
C GLY A 18 -27.68 0.07 22.96
N SER A 19 -28.05 1.33 22.82
CA SER A 19 -29.34 1.92 23.14
C SER A 19 -29.78 2.96 22.12
N PRO A 20 -31.03 3.02 22.07
CA PRO A 20 -31.55 3.99 21.10
C PRO A 20 -31.35 5.41 21.61
N LEU A 21 -31.11 6.51 20.57
CA LEU A 21 -30.89 7.90 20.94
C LEU A 21 -32.14 8.50 21.59
N CYS A 22 -31.93 9.38 22.57
CA CYS A 22 -33.04 10.03 23.27
C CYS A 22 -33.15 11.51 22.91
N ILE A 23 -34.35 11.92 22.51
CA ILE A 23 -34.58 13.32 22.17
C ILE A 23 -34.67 14.11 23.48
N GLU A 24 -33.63 14.88 23.76
CA GLU A 24 -33.57 15.67 24.98
C GLU A 24 -33.49 17.16 24.67
N GLU A 25 -33.68 17.97 25.71
CA GLU A 25 -33.57 19.41 25.58
C GLU A 25 -32.22 19.70 26.23
N ILE A 26 -31.25 20.17 25.45
CA ILE A 26 -29.94 20.45 26.01
C ILE A 26 -29.58 21.92 26.00
N GLU A 27 -28.52 22.25 26.75
CA GLU A 27 -28.03 23.61 26.83
C GLU A 27 -26.75 23.66 26.01
N VAL A 28 -26.73 24.48 24.98
CA VAL A 28 -25.55 24.62 24.15
C VAL A 28 -24.84 25.92 24.51
N SER A 29 -23.72 25.81 25.19
CA SER A 29 -22.94 26.97 25.61
C SER A 29 -22.51 27.78 24.39
N PRO A 30 -22.16 29.07 24.62
CA PRO A 30 -21.72 29.92 23.51
C PRO A 30 -20.29 29.51 23.12
N PRO A 31 -19.87 29.82 21.90
CA PRO A 31 -18.53 29.47 21.45
C PRO A 31 -17.41 30.24 22.14
N LYS A 32 -16.33 29.54 22.47
CA LYS A 32 -15.19 30.18 23.09
C LYS A 32 -14.26 30.62 21.96
N ALA A 33 -13.04 31.03 22.28
CA ALA A 33 -12.10 31.48 21.26
C ALA A 33 -11.83 30.41 20.20
N CYS A 34 -11.87 30.82 18.93
CA CYS A 34 -11.62 29.92 17.81
C CYS A 34 -12.70 28.85 17.62
N GLU A 35 -13.91 29.14 18.10
CA GLU A 35 -15.02 28.21 17.94
C GLU A 35 -16.15 28.92 17.22
N VAL A 36 -17.07 28.14 16.66
CA VAL A 36 -18.21 28.69 15.95
C VAL A 36 -19.46 27.90 16.33
N ARG A 37 -20.52 28.60 16.69
CA ARG A 37 -21.76 27.92 17.04
C ARG A 37 -22.62 27.93 15.79
N ILE A 38 -23.07 26.75 15.41
CA ILE A 38 -23.85 26.60 14.20
C ILE A 38 -25.27 26.12 14.45
N GLN A 39 -26.20 26.61 13.64
CA GLN A 39 -27.57 26.16 13.70
C GLN A 39 -27.58 25.07 12.65
N VAL A 40 -27.73 23.82 13.07
CA VAL A 40 -27.76 22.71 12.14
C VAL A 40 -29.08 22.73 11.40
N ILE A 41 -29.03 22.87 10.07
CA ILE A 41 -30.22 22.90 9.25
C ILE A 41 -30.66 21.49 8.84
N ALA A 42 -29.70 20.70 8.35
CA ALA A 42 -29.98 19.33 7.92
C ALA A 42 -28.81 18.44 8.32
N THR A 43 -29.12 17.20 8.70
CA THR A 43 -28.09 16.25 9.09
C THR A 43 -28.50 14.83 8.68
N CYS A 44 -27.50 14.01 8.32
CA CYS A 44 -27.77 12.63 7.93
C CYS A 44 -27.15 11.70 8.96
N VAL A 45 -27.56 10.44 8.92
CA VAL A 45 -27.00 9.45 9.82
C VAL A 45 -25.99 8.64 9.03
N CYS A 46 -24.56 8.74 9.50
CA CYS A 46 -23.50 7.99 8.84
C CYS A 46 -23.22 6.74 9.66
N PRO A 47 -23.01 5.49 9.04
CA PRO A 47 -22.74 4.27 9.78
C PRO A 47 -21.75 4.46 10.93
N THR A 48 -20.90 5.48 10.84
CA THR A 48 -19.92 5.72 11.89
C THR A 48 -20.61 6.21 13.17
N ASP A 49 -21.75 6.87 13.01
CA ASP A 49 -22.50 7.35 14.17
C ASP A 49 -23.11 6.12 14.85
N ILE A 50 -23.70 5.25 14.06
CA ILE A 50 -24.33 4.03 14.56
C ILE A 50 -23.25 3.19 15.23
N ASN A 51 -22.14 3.03 14.52
CA ASN A 51 -21.01 2.26 15.02
C ASN A 51 -20.69 2.61 16.46
N ALA A 52 -20.79 3.89 16.79
CA ALA A 52 -20.50 4.36 18.15
C ALA A 52 -21.43 3.76 19.20
N THR A 53 -22.62 3.35 18.79
CA THR A 53 -23.58 2.76 19.73
C THR A 53 -23.41 1.24 19.82
N ASP A 54 -22.32 0.74 19.24
CA ASP A 54 -22.05 -0.69 19.26
C ASP A 54 -21.23 -1.09 20.49
N PRO A 55 -21.80 -1.96 21.34
CA PRO A 55 -21.12 -2.43 22.56
C PRO A 55 -19.75 -3.03 22.27
N LYS A 56 -19.63 -3.70 21.14
CA LYS A 56 -18.38 -4.33 20.72
C LYS A 56 -17.29 -3.30 20.40
N LYS A 57 -17.70 -2.06 20.16
CA LYS A 57 -16.76 -0.99 19.82
C LYS A 57 -16.51 -0.02 20.98
N LYS A 58 -15.36 0.65 20.96
CA LYS A 58 -15.01 1.62 21.99
C LYS A 58 -15.72 2.93 21.71
N ALA A 59 -16.23 3.57 22.76
CA ALA A 59 -16.93 4.84 22.61
C ALA A 59 -17.07 5.56 23.95
N LEU A 60 -17.47 6.83 23.89
CA LEU A 60 -17.65 7.63 25.09
C LEU A 60 -19.11 8.03 25.24
N PHE A 61 -19.60 8.03 26.48
CA PHE A 61 -20.99 8.37 26.77
C PHE A 61 -21.09 9.21 28.05
N PRO A 62 -22.12 10.06 28.14
CA PRO A 62 -23.15 10.27 27.11
C PRO A 62 -22.54 11.14 26.01
N VAL A 63 -23.09 11.06 24.82
CA VAL A 63 -22.55 11.84 23.71
C VAL A 63 -23.57 12.28 22.67
N VAL A 64 -23.32 13.43 22.07
CA VAL A 64 -24.17 13.94 21.01
C VAL A 64 -23.51 13.49 19.72
N LEU A 65 -23.99 12.40 19.15
CA LEU A 65 -23.44 11.86 17.92
C LEU A 65 -23.75 12.75 16.71
N GLY A 66 -23.44 12.25 15.52
CA GLY A 66 -23.69 12.99 14.30
C GLY A 66 -22.51 13.84 13.83
N HIS A 67 -22.19 13.79 12.53
CA HIS A 67 -21.08 14.59 12.01
C HIS A 67 -21.23 14.97 10.53
N GLU A 68 -22.30 14.50 9.89
CA GLU A 68 -22.57 14.82 8.50
C GLU A 68 -23.75 15.78 8.47
N CYS A 69 -23.48 17.06 8.18
CA CYS A 69 -24.54 18.06 8.19
C CYS A 69 -24.13 19.37 7.52
N ALA A 70 -25.06 20.30 7.49
CA ALA A 70 -24.84 21.63 6.93
C ALA A 70 -25.73 22.57 7.75
N GLY A 71 -25.31 23.82 7.91
CA GLY A 71 -26.10 24.74 8.69
C GLY A 71 -25.74 26.21 8.50
N ILE A 72 -26.19 27.02 9.44
CA ILE A 72 -25.96 28.46 9.39
C ILE A 72 -25.27 28.92 10.67
N VAL A 73 -24.26 29.76 10.53
CA VAL A 73 -23.54 30.27 11.68
C VAL A 73 -24.46 31.14 12.54
N GLU A 74 -24.60 30.78 13.82
CA GLU A 74 -25.42 31.54 14.74
C GLU A 74 -24.57 32.54 15.51
N SER A 75 -23.32 32.17 15.79
CA SER A 75 -22.40 33.06 16.49
C SER A 75 -20.98 32.50 16.50
N VAL A 76 -20.00 33.39 16.61
CA VAL A 76 -18.60 32.98 16.64
C VAL A 76 -17.91 33.46 17.92
N GLY A 77 -16.97 32.65 18.41
CA GLY A 77 -16.26 33.01 19.63
C GLY A 77 -15.35 34.20 19.43
N PRO A 78 -14.64 34.62 20.48
CA PRO A 78 -13.72 35.76 20.38
C PRO A 78 -12.58 35.46 19.42
N GLY A 79 -12.15 36.47 18.67
CA GLY A 79 -11.06 36.30 17.75
C GLY A 79 -11.39 35.65 16.40
N VAL A 80 -12.64 35.27 16.20
CA VAL A 80 -13.04 34.65 14.94
C VAL A 80 -13.48 35.71 13.93
N THR A 81 -12.87 35.71 12.75
CA THR A 81 -13.21 36.67 11.71
C THR A 81 -13.58 36.06 10.35
N ASN A 82 -13.21 34.81 10.11
CA ASN A 82 -13.52 34.17 8.83
C ASN A 82 -14.96 33.66 8.78
N PHE A 83 -15.64 33.71 9.91
CA PHE A 83 -17.03 33.27 10.00
C PHE A 83 -17.83 34.36 10.71
N LYS A 84 -19.08 34.54 10.31
CA LYS A 84 -19.96 35.54 10.92
C LYS A 84 -21.39 35.01 10.85
N PRO A 85 -22.27 35.45 11.77
CA PRO A 85 -23.65 34.99 11.76
C PRO A 85 -24.26 35.12 10.37
N GLY A 86 -24.98 34.10 9.93
CA GLY A 86 -25.60 34.15 8.62
C GLY A 86 -24.91 33.34 7.55
N ASP A 87 -23.61 33.12 7.70
CA ASP A 87 -22.87 32.32 6.72
C ASP A 87 -23.34 30.88 6.69
N LYS A 88 -23.41 30.31 5.49
CA LYS A 88 -23.79 28.91 5.36
C LYS A 88 -22.48 28.15 5.52
N VAL A 89 -22.49 27.08 6.32
CA VAL A 89 -21.28 26.31 6.54
C VAL A 89 -21.50 24.80 6.55
N ILE A 90 -20.41 24.07 6.45
CA ILE A 90 -20.42 22.62 6.48
C ILE A 90 -19.24 22.21 7.35
N PRO A 91 -19.52 21.60 8.52
CA PRO A 91 -18.45 21.17 9.42
C PRO A 91 -18.02 19.77 8.99
N PHE A 92 -16.91 19.27 9.53
CA PHE A 92 -16.45 17.95 9.15
C PHE A 92 -15.48 17.41 10.20
N PHE A 93 -15.33 16.08 10.24
CA PHE A 93 -14.43 15.46 11.20
C PHE A 93 -12.95 15.65 10.88
N ALA A 94 -12.65 15.95 9.62
CA ALA A 94 -11.26 16.15 9.18
C ALA A 94 -10.88 17.63 9.24
N PRO A 95 -10.11 18.03 10.27
CA PRO A 95 -9.72 19.43 10.37
C PRO A 95 -8.60 19.85 9.43
N GLN A 96 -8.50 21.15 9.22
CA GLN A 96 -7.45 21.72 8.39
C GLN A 96 -7.08 23.03 9.04
N CYS A 97 -6.20 22.98 10.04
CA CYS A 97 -5.78 24.19 10.73
C CYS A 97 -4.91 25.06 9.82
N LYS A 98 -4.38 24.46 8.75
CA LYS A 98 -3.54 25.15 7.79
C LYS A 98 -2.23 25.65 8.40
N ARG A 99 -2.02 25.35 9.67
CA ARG A 99 -0.82 25.82 10.35
C ARG A 99 0.01 24.71 10.98
N CYS A 100 0.25 23.65 10.21
CA CYS A 100 1.06 22.53 10.70
C CYS A 100 1.70 21.79 9.53
N LYS A 101 2.72 20.99 9.82
CA LYS A 101 3.43 20.23 8.81
C LYS A 101 2.49 19.41 7.92
N LEU A 102 1.58 18.67 8.55
CA LEU A 102 0.63 17.84 7.81
C LEU A 102 -0.23 18.68 6.86
N CYS A 103 -0.73 19.83 7.32
CA CYS A 103 -1.56 20.69 6.49
C CYS A 103 -0.78 21.28 5.30
N LEU A 104 0.51 21.50 5.48
CA LEU A 104 1.35 22.06 4.41
C LEU A 104 1.67 21.05 3.31
N SER A 105 1.70 19.78 3.67
CA SER A 105 2.03 18.71 2.74
C SER A 105 0.96 18.45 1.69
N PRO A 106 1.36 18.37 0.42
CA PRO A 106 0.40 18.10 -0.65
C PRO A 106 0.11 16.60 -0.72
N LEU A 107 0.78 15.83 0.14
CA LEU A 107 0.64 14.37 0.16
C LEU A 107 -0.38 13.81 1.16
N THR A 108 -1.00 14.67 1.94
CA THR A 108 -1.99 14.20 2.91
C THR A 108 -3.00 15.29 3.25
N ASN A 109 -4.13 14.88 3.82
CA ASN A 109 -5.14 15.85 4.23
C ASN A 109 -5.33 15.73 5.72
N LEU A 110 -4.42 15.01 6.38
CA LEU A 110 -4.45 14.86 7.83
C LEU A 110 -4.00 16.20 8.40
N CYS A 111 -4.27 16.41 9.69
CA CYS A 111 -3.91 17.66 10.35
C CYS A 111 -3.40 17.39 11.77
N GLY A 112 -2.40 18.15 12.19
CA GLY A 112 -1.84 17.98 13.52
C GLY A 112 -2.86 18.19 14.62
N LYS A 113 -4.05 18.65 14.23
CA LYS A 113 -5.13 18.89 15.17
C LYS A 113 -5.54 17.54 15.77
N LEU A 114 -5.49 16.49 14.95
CA LEU A 114 -5.85 15.15 15.39
C LEU A 114 -4.87 14.65 16.45
N ARG A 115 -5.40 14.01 17.48
CA ARG A 115 -4.57 13.50 18.57
C ARG A 115 -4.53 11.96 18.59
N ASN A 116 -5.71 11.34 18.63
CA ASN A 116 -5.79 9.88 18.65
C ASN A 116 -5.56 9.33 17.24
N PHE A 117 -4.59 8.43 17.12
CA PHE A 117 -4.25 7.83 15.82
C PHE A 117 -4.51 6.33 15.78
N LYS A 118 -5.24 5.82 16.75
CA LYS A 118 -5.56 4.40 16.81
C LYS A 118 -7.07 4.21 16.88
N TYR A 119 -7.75 5.24 17.40
CA TYR A 119 -9.21 5.22 17.52
C TYR A 119 -9.76 6.60 17.15
N PRO A 120 -9.67 6.97 15.87
CA PRO A 120 -10.16 8.28 15.42
C PRO A 120 -11.61 8.56 15.84
N THR A 121 -12.40 7.49 16.00
CA THR A 121 -13.80 7.63 16.39
C THR A 121 -14.04 8.25 17.78
N ILE A 122 -13.08 8.08 18.69
CA ILE A 122 -13.22 8.63 20.04
C ILE A 122 -12.40 9.90 20.24
N ASP A 123 -11.84 10.42 19.15
CA ASP A 123 -11.05 11.64 19.21
C ASP A 123 -11.95 12.85 18.95
N GLN A 124 -11.49 14.03 19.36
CA GLN A 124 -12.28 15.26 19.19
C GLN A 124 -13.63 15.09 19.92
N GLU A 125 -13.58 14.51 21.11
CA GLU A 125 -14.78 14.28 21.91
C GLU A 125 -15.06 15.45 22.87
N LEU A 126 -14.16 16.43 22.84
CA LEU A 126 -14.27 17.62 23.66
C LEU A 126 -13.61 18.73 22.86
N MET A 127 -13.80 19.98 23.26
CA MET A 127 -13.19 21.08 22.54
C MET A 127 -11.71 21.21 22.90
N GLU A 128 -11.03 22.17 22.29
CA GLU A 128 -9.60 22.39 22.53
C GLU A 128 -9.24 22.37 24.00
N ASP A 129 -9.90 23.22 24.78
CA ASP A 129 -9.63 23.33 26.22
C ASP A 129 -10.18 22.16 27.02
N ARG A 130 -10.35 21.02 26.36
CA ARG A 130 -10.85 19.80 26.97
C ARG A 130 -12.11 19.96 27.83
N THR A 131 -13.08 20.69 27.31
CA THR A 131 -14.35 20.89 27.99
C THR A 131 -15.45 20.71 26.95
N SER A 132 -16.70 20.63 27.41
CA SER A 132 -17.82 20.46 26.50
C SER A 132 -18.72 21.68 26.45
N ARG A 133 -19.39 21.86 25.32
CA ARG A 133 -20.31 22.99 25.14
C ARG A 133 -21.73 22.47 25.41
N PHE A 134 -21.85 21.15 25.57
CA PHE A 134 -23.14 20.51 25.80
C PHE A 134 -23.46 20.13 27.24
N THR A 135 -24.69 20.41 27.66
CA THR A 135 -25.18 20.08 28.99
C THR A 135 -26.64 19.65 28.87
N CYS A 136 -26.99 18.59 29.58
CA CYS A 136 -28.36 18.08 29.57
C CYS A 136 -28.66 17.43 30.91
N LYS A 137 -29.66 17.96 31.61
CA LYS A 137 -30.04 17.43 32.91
C LYS A 137 -28.85 17.51 33.86
N GLY A 138 -28.23 18.68 33.92
CA GLY A 138 -27.09 18.88 34.79
C GLY A 138 -25.90 17.99 34.52
N ARG A 139 -25.93 17.28 33.39
CA ARG A 139 -24.81 16.41 33.04
C ARG A 139 -24.02 16.96 31.86
N SER A 140 -22.73 16.64 31.82
CA SER A 140 -21.88 17.10 30.74
C SER A 140 -21.94 16.03 29.64
N ILE A 141 -22.12 16.48 28.39
CA ILE A 141 -22.23 15.56 27.26
C ILE A 141 -21.03 15.65 26.33
N TYR A 142 -20.53 14.48 25.90
CA TYR A 142 -19.40 14.42 24.99
C TYR A 142 -19.75 14.86 23.57
N HIS A 143 -18.78 15.47 22.89
CA HIS A 143 -18.95 15.88 21.50
C HIS A 143 -18.56 14.64 20.70
N PHE A 144 -18.83 14.64 19.40
CA PHE A 144 -18.49 13.50 18.58
C PHE A 144 -17.76 13.88 17.28
N MET A 145 -16.55 13.37 17.12
CA MET A 145 -15.73 13.61 15.95
C MET A 145 -15.66 15.09 15.57
N GLY A 146 -15.59 15.95 16.59
CA GLY A 146 -15.50 17.39 16.35
C GLY A 146 -16.67 18.05 15.67
N VAL A 147 -17.83 17.38 15.62
CA VAL A 147 -19.00 17.96 14.98
C VAL A 147 -20.27 17.91 15.83
N SER A 148 -20.76 16.71 16.13
CA SER A 148 -21.99 16.53 16.92
C SER A 148 -23.15 17.29 16.28
N SER A 149 -23.64 16.77 15.16
CA SER A 149 -24.72 17.42 14.43
C SER A 149 -26.13 16.95 14.83
N PHE A 150 -26.23 16.06 15.80
CA PHE A 150 -27.55 15.59 16.23
C PHE A 150 -28.11 16.52 17.30
N SER A 151 -28.00 17.82 17.04
CA SER A 151 -28.49 18.86 17.93
C SER A 151 -28.77 20.04 17.02
N GLN A 152 -29.86 20.76 17.26
CA GLN A 152 -30.18 21.90 16.40
C GLN A 152 -29.06 22.93 16.41
N TYR A 153 -28.31 22.96 17.50
CA TYR A 153 -27.18 23.88 17.63
C TYR A 153 -25.96 23.13 18.15
N THR A 154 -24.82 23.35 17.51
CA THR A 154 -23.58 22.70 17.94
C THR A 154 -22.45 23.70 17.82
N VAL A 155 -21.37 23.45 18.54
CA VAL A 155 -20.21 24.33 18.52
C VAL A 155 -19.02 23.54 18.01
N VAL A 156 -18.34 24.07 17.01
CA VAL A 156 -17.20 23.38 16.43
C VAL A 156 -15.98 24.29 16.34
N SER A 157 -14.82 23.66 16.22
CA SER A 157 -13.57 24.38 16.07
C SER A 157 -13.57 25.01 14.68
N GLU A 158 -12.87 26.13 14.54
CA GLU A 158 -12.77 26.82 13.25
C GLU A 158 -12.09 25.92 12.23
N ALA A 159 -11.22 25.04 12.73
CA ALA A 159 -10.48 24.14 11.86
C ALA A 159 -11.38 23.02 11.34
N ASN A 160 -12.58 22.91 11.90
CA ASN A 160 -13.50 21.85 11.49
C ASN A 160 -14.72 22.27 10.68
N LEU A 161 -14.63 23.39 9.99
CA LEU A 161 -15.73 23.82 9.15
C LEU A 161 -15.29 24.76 8.04
N ALA A 162 -16.12 24.82 7.00
CA ALA A 162 -15.83 25.67 5.86
C ALA A 162 -17.07 26.49 5.50
N ARG A 163 -16.86 27.72 5.06
CA ARG A 163 -17.99 28.54 4.66
C ARG A 163 -18.24 28.18 3.20
N VAL A 164 -19.51 27.96 2.86
CA VAL A 164 -19.85 27.59 1.50
C VAL A 164 -20.78 28.58 0.82
N ASP A 165 -20.97 28.40 -0.49
CA ASP A 165 -21.83 29.26 -1.30
C ASP A 165 -23.08 29.72 -0.57
N ASP A 166 -23.35 31.02 -0.64
CA ASP A 166 -24.52 31.60 0.03
C ASP A 166 -25.84 31.02 -0.44
N GLU A 167 -25.85 30.46 -1.66
CA GLU A 167 -27.09 29.90 -2.20
C GLU A 167 -27.11 28.38 -2.21
N ALA A 168 -26.24 27.77 -1.42
CA ALA A 168 -26.16 26.33 -1.34
C ALA A 168 -27.39 25.74 -0.67
N ASN A 169 -27.93 24.68 -1.25
CA ASN A 169 -29.09 24.01 -0.66
C ASN A 169 -28.58 23.17 0.50
N LEU A 170 -28.71 23.69 1.71
CA LEU A 170 -28.25 23.02 2.92
C LEU A 170 -28.82 21.62 3.15
N GLU A 171 -29.97 21.33 2.55
CA GLU A 171 -30.60 20.02 2.71
C GLU A 171 -30.05 18.96 1.76
N ARG A 172 -29.05 19.33 0.97
CA ARG A 172 -28.41 18.40 0.04
C ARG A 172 -26.90 18.45 0.19
N VAL A 173 -26.36 19.66 0.32
CA VAL A 173 -24.93 19.84 0.47
C VAL A 173 -24.43 19.27 1.80
N CYS A 174 -25.35 19.00 2.71
CA CYS A 174 -24.98 18.41 3.99
C CYS A 174 -24.26 17.06 3.74
N LEU A 175 -24.57 16.42 2.61
CA LEU A 175 -23.95 15.14 2.24
C LEU A 175 -22.44 15.30 2.05
N ILE A 176 -22.01 16.53 1.73
CA ILE A 176 -20.61 16.83 1.55
C ILE A 176 -19.91 16.82 2.90
N GLY A 177 -20.70 16.84 3.97
CA GLY A 177 -20.13 16.82 5.31
C GLY A 177 -19.34 15.55 5.59
N CYS A 178 -19.62 14.36 4.97
CA CYS A 178 -18.87 13.13 5.18
C CYS A 178 -18.97 12.04 4.10
N GLY A 179 -20.16 11.55 3.91
CA GLY A 179 -20.37 10.47 2.96
C GLY A 179 -19.92 10.71 1.53
N PHE A 180 -20.56 11.67 0.86
CA PHE A 180 -20.20 11.95 -0.53
C PHE A 180 -18.72 12.27 -0.70
N SER A 181 -18.24 13.29 0.01
CA SER A 181 -16.86 13.72 -0.10
C SER A 181 -15.87 12.57 0.08
N SER A 182 -16.15 11.71 1.06
CA SER A 182 -15.25 10.59 1.32
C SER A 182 -15.15 9.61 0.15
N GLY A 183 -16.28 9.21 -0.42
CA GLY A 183 -16.22 8.29 -1.54
C GLY A 183 -15.72 8.95 -2.81
N TYR A 184 -16.26 10.13 -3.11
CA TYR A 184 -15.88 10.88 -4.31
C TYR A 184 -14.38 11.09 -4.32
N GLY A 185 -13.86 11.64 -3.23
CA GLY A 185 -12.42 11.88 -3.12
C GLY A 185 -11.56 10.64 -3.04
N ALA A 186 -12.08 9.55 -2.50
CA ALA A 186 -11.29 8.32 -2.41
C ALA A 186 -10.90 7.91 -3.82
N ALA A 187 -11.84 8.00 -4.76
CA ALA A 187 -11.56 7.65 -6.14
C ALA A 187 -10.62 8.65 -6.80
N ILE A 188 -10.96 9.93 -6.70
CA ILE A 188 -10.15 10.97 -7.33
C ILE A 188 -8.77 11.23 -6.70
N ASN A 189 -8.75 11.42 -5.38
CA ASN A 189 -7.51 11.73 -4.67
C ASN A 189 -6.65 10.58 -4.16
N THR A 190 -7.27 9.65 -3.45
CA THR A 190 -6.54 8.54 -2.87
C THR A 190 -6.16 7.44 -3.86
N ALA A 191 -7.15 6.86 -4.53
CA ALA A 191 -6.85 5.81 -5.51
C ALA A 191 -6.24 6.44 -6.76
N LYS A 192 -6.57 7.70 -7.00
CA LYS A 192 -6.10 8.44 -8.18
C LYS A 192 -6.47 7.73 -9.47
N VAL A 193 -7.76 7.47 -9.63
CA VAL A 193 -8.28 6.80 -10.81
C VAL A 193 -7.89 7.60 -12.04
N THR A 194 -7.40 6.90 -13.05
CA THR A 194 -6.95 7.53 -14.29
C THR A 194 -7.88 7.23 -15.46
N PRO A 195 -7.84 8.09 -16.50
CA PRO A 195 -8.67 7.93 -17.69
C PRO A 195 -8.49 6.59 -18.42
N GLY A 196 -9.61 5.99 -18.80
CA GLY A 196 -9.57 4.71 -19.49
C GLY A 196 -9.34 3.50 -18.60
N SER A 197 -9.07 3.73 -17.33
CA SER A 197 -8.82 2.62 -16.39
C SER A 197 -10.06 1.84 -15.99
N THR A 198 -9.84 0.68 -15.36
CA THR A 198 -10.93 -0.17 -14.89
C THR A 198 -10.94 -0.09 -13.36
N CYS A 199 -12.14 -0.03 -12.79
CA CYS A 199 -12.29 0.09 -11.34
C CYS A 199 -13.32 -0.88 -10.75
N ALA A 200 -13.12 -1.21 -9.48
CA ALA A 200 -14.03 -2.09 -8.76
C ALA A 200 -14.36 -1.38 -7.45
N VAL A 201 -15.64 -1.26 -7.14
CA VAL A 201 -16.07 -0.61 -5.92
C VAL A 201 -16.90 -1.61 -5.10
N PHE A 202 -16.46 -1.89 -3.88
CA PHE A 202 -17.16 -2.83 -3.01
C PHE A 202 -17.98 -2.04 -1.99
N GLY A 203 -19.28 -2.29 -1.96
CA GLY A 203 -20.15 -1.57 -1.04
C GLY A 203 -20.82 -0.44 -1.81
N LEU A 204 -22.13 -0.52 -1.96
CA LEU A 204 -22.84 0.49 -2.73
C LEU A 204 -23.76 1.40 -1.93
N GLY A 205 -23.30 1.81 -0.76
CA GLY A 205 -24.07 2.74 0.05
C GLY A 205 -23.66 4.11 -0.44
N CYS A 206 -23.91 5.15 0.34
CA CYS A 206 -23.56 6.51 -0.05
C CYS A 206 -22.08 6.66 -0.45
N VAL A 207 -21.19 6.04 0.32
CA VAL A 207 -19.77 6.13 0.06
C VAL A 207 -19.40 5.43 -1.26
N GLY A 208 -19.81 4.18 -1.40
CA GLY A 208 -19.52 3.44 -2.62
C GLY A 208 -20.07 4.13 -3.87
N LEU A 209 -21.29 4.64 -3.78
CA LEU A 209 -21.93 5.33 -4.90
C LEU A 209 -21.16 6.59 -5.28
N SER A 210 -20.67 7.31 -4.28
CA SER A 210 -19.92 8.52 -4.53
C SER A 210 -18.57 8.16 -5.14
N ALA A 211 -18.05 6.99 -4.76
CA ALA A 211 -16.79 6.52 -5.30
C ALA A 211 -16.98 6.22 -6.80
N ILE A 212 -18.15 5.70 -7.14
CA ILE A 212 -18.47 5.40 -8.53
C ILE A 212 -18.54 6.73 -9.30
N ILE A 213 -19.24 7.72 -8.74
CA ILE A 213 -19.36 9.03 -9.37
C ILE A 213 -17.94 9.54 -9.61
N GLY A 214 -17.09 9.37 -8.60
CA GLY A 214 -15.71 9.80 -8.69
C GLY A 214 -14.92 9.10 -9.78
N CYS A 215 -15.07 7.79 -9.88
CA CYS A 215 -14.38 7.01 -10.90
C CYS A 215 -14.84 7.46 -12.28
N LYS A 216 -16.14 7.74 -12.40
CA LYS A 216 -16.71 8.18 -13.67
C LYS A 216 -16.12 9.53 -14.06
N ILE A 217 -16.12 10.47 -13.11
CA ILE A 217 -15.57 11.80 -13.37
C ILE A 217 -14.09 11.67 -13.69
N ALA A 218 -13.43 10.71 -13.07
CA ALA A 218 -11.99 10.49 -13.30
C ALA A 218 -11.73 9.86 -14.67
N GLY A 219 -12.77 9.43 -15.36
CA GLY A 219 -12.60 8.86 -16.69
C GLY A 219 -12.49 7.35 -16.82
N ALA A 220 -12.80 6.62 -15.76
CA ALA A 220 -12.72 5.16 -15.82
C ALA A 220 -13.60 4.67 -16.96
N SER A 221 -13.09 3.70 -17.72
CA SER A 221 -13.83 3.14 -18.84
C SER A 221 -14.74 2.00 -18.37
N ARG A 222 -14.41 1.42 -17.23
CA ARG A 222 -15.21 0.33 -16.67
C ARG A 222 -15.28 0.43 -15.16
N ILE A 223 -16.48 0.36 -14.61
CA ILE A 223 -16.66 0.45 -13.17
C ILE A 223 -17.50 -0.71 -12.70
N ILE A 224 -16.87 -1.64 -11.98
CA ILE A 224 -17.58 -2.81 -11.48
C ILE A 224 -18.07 -2.55 -10.06
N ALA A 225 -19.38 -2.68 -9.87
CA ALA A 225 -20.00 -2.44 -8.56
C ALA A 225 -20.33 -3.75 -7.87
N ILE A 226 -19.81 -3.92 -6.66
CA ILE A 226 -20.04 -5.14 -5.90
C ILE A 226 -20.79 -4.89 -4.60
N ASP A 227 -21.83 -5.68 -4.36
CA ASP A 227 -22.61 -5.55 -3.13
C ASP A 227 -23.46 -6.81 -2.93
N ILE A 228 -23.59 -7.25 -1.68
CA ILE A 228 -24.38 -8.43 -1.36
C ILE A 228 -25.87 -8.10 -1.37
N ASN A 229 -26.20 -6.83 -1.50
CA ASN A 229 -27.60 -6.38 -1.55
C ASN A 229 -27.94 -5.93 -2.97
N GLY A 230 -28.55 -6.82 -3.74
CA GLY A 230 -28.90 -6.51 -5.12
C GLY A 230 -29.67 -5.23 -5.37
N GLU A 231 -30.42 -4.75 -4.38
CA GLU A 231 -31.20 -3.52 -4.51
C GLU A 231 -30.36 -2.29 -4.83
N LYS A 232 -29.11 -2.31 -4.36
CA LYS A 232 -28.20 -1.18 -4.55
C LYS A 232 -27.67 -1.06 -5.96
N PHE A 233 -27.93 -2.05 -6.80
CA PHE A 233 -27.42 -2.02 -8.17
C PHE A 233 -28.00 -0.96 -9.10
N PRO A 234 -29.33 -0.78 -9.11
CA PRO A 234 -29.93 0.22 -10.01
C PRO A 234 -29.33 1.61 -9.83
N LYS A 235 -29.23 2.05 -8.58
CA LYS A 235 -28.68 3.36 -8.26
C LYS A 235 -27.20 3.37 -8.68
N ALA A 236 -26.51 2.25 -8.44
CA ALA A 236 -25.10 2.14 -8.80
C ALA A 236 -24.93 2.34 -10.30
N LYS A 237 -25.73 1.65 -11.09
CA LYS A 237 -25.66 1.76 -12.54
C LYS A 237 -26.06 3.16 -13.02
N ALA A 238 -27.06 3.74 -12.38
CA ALA A 238 -27.52 5.09 -12.74
C ALA A 238 -26.40 6.10 -12.51
N LEU A 239 -25.46 5.75 -11.65
CA LEU A 239 -24.35 6.65 -11.37
C LEU A 239 -23.07 6.34 -12.13
N GLY A 240 -23.10 5.32 -12.99
CA GLY A 240 -21.92 5.01 -13.77
C GLY A 240 -21.38 3.59 -13.78
N ALA A 241 -21.89 2.74 -12.90
CA ALA A 241 -21.42 1.36 -12.84
C ALA A 241 -21.75 0.65 -14.15
N THR A 242 -20.77 -0.06 -14.71
CA THR A 242 -21.00 -0.78 -15.96
C THR A 242 -21.28 -2.25 -15.72
N ASP A 243 -20.89 -2.74 -14.53
CA ASP A 243 -21.09 -4.14 -14.18
C ASP A 243 -21.48 -4.24 -12.71
N CYS A 244 -22.40 -5.15 -12.39
CA CYS A 244 -22.83 -5.36 -11.01
C CYS A 244 -22.64 -6.83 -10.63
N LEU A 245 -22.11 -7.07 -9.44
CA LEU A 245 -21.89 -8.44 -8.99
C LEU A 245 -22.32 -8.62 -7.56
N ASN A 246 -23.03 -9.71 -7.29
CA ASN A 246 -23.48 -10.01 -5.95
C ASN A 246 -22.74 -11.26 -5.49
N PRO A 247 -21.81 -11.09 -4.54
CA PRO A 247 -21.02 -12.22 -4.02
C PRO A 247 -21.89 -13.37 -3.54
N ARG A 248 -23.08 -13.05 -3.05
CA ARG A 248 -24.03 -14.03 -2.54
C ARG A 248 -24.60 -14.97 -3.62
N GLU A 249 -24.55 -14.53 -4.86
CA GLU A 249 -25.09 -15.30 -5.97
C GLU A 249 -24.03 -15.95 -6.85
N LEU A 250 -22.76 -15.75 -6.52
CA LEU A 250 -21.66 -16.32 -7.29
C LEU A 250 -21.15 -17.62 -6.65
N ASP A 251 -20.78 -18.58 -7.50
CA ASP A 251 -20.26 -19.87 -7.06
C ASP A 251 -18.77 -19.76 -6.76
N LYS A 252 -18.12 -18.78 -7.36
CA LYS A 252 -16.70 -18.55 -7.15
C LYS A 252 -16.52 -17.25 -6.38
N PRO A 253 -15.38 -17.09 -5.69
CA PRO A 253 -15.16 -15.86 -4.93
C PRO A 253 -15.32 -14.71 -5.92
N VAL A 254 -15.95 -13.62 -5.47
CA VAL A 254 -16.17 -12.48 -6.35
C VAL A 254 -14.89 -11.90 -6.98
N GLN A 255 -13.76 -11.97 -6.28
CA GLN A 255 -12.52 -11.45 -6.84
C GLN A 255 -12.06 -12.25 -8.06
N ASP A 256 -12.38 -13.53 -8.08
CA ASP A 256 -12.00 -14.38 -9.22
C ASP A 256 -12.90 -14.12 -10.41
N VAL A 257 -14.13 -13.70 -10.14
CA VAL A 257 -15.07 -13.37 -11.19
C VAL A 257 -14.60 -12.06 -11.82
N ILE A 258 -14.20 -11.12 -10.97
CA ILE A 258 -13.71 -9.82 -11.45
C ILE A 258 -12.45 -10.02 -12.27
N THR A 259 -11.54 -10.85 -11.75
CA THR A 259 -10.29 -11.14 -12.45
C THR A 259 -10.56 -11.71 -13.84
N GLU A 260 -11.48 -12.66 -13.93
CA GLU A 260 -11.81 -13.27 -15.21
C GLU A 260 -12.49 -12.29 -16.16
N LEU A 261 -13.42 -11.52 -15.60
CA LEU A 261 -14.18 -10.54 -16.37
C LEU A 261 -13.27 -9.49 -17.00
N THR A 262 -12.17 -9.19 -16.34
CA THR A 262 -11.23 -8.19 -16.80
C THR A 262 -9.94 -8.77 -17.36
N ALA A 263 -9.86 -10.10 -17.39
CA ALA A 263 -8.67 -10.79 -17.90
C ALA A 263 -7.41 -10.43 -17.12
N GLY A 264 -7.49 -10.46 -15.80
CA GLY A 264 -6.33 -10.14 -14.98
C GLY A 264 -6.60 -9.30 -13.75
N GLY A 265 -7.73 -8.60 -13.73
CA GLY A 265 -8.06 -7.77 -12.59
C GLY A 265 -8.26 -6.31 -12.97
N VAL A 266 -8.71 -5.50 -12.03
CA VAL A 266 -8.93 -4.08 -12.29
C VAL A 266 -7.69 -3.26 -11.95
N ASP A 267 -7.63 -2.05 -12.49
CA ASP A 267 -6.50 -1.17 -12.21
C ASP A 267 -6.63 -0.58 -10.81
N TYR A 268 -7.86 -0.27 -10.41
CA TYR A 268 -8.14 0.32 -9.11
C TYR A 268 -9.36 -0.30 -8.45
N SER A 269 -9.22 -0.63 -7.17
CA SER A 269 -10.33 -1.16 -6.42
C SER A 269 -10.49 -0.23 -5.22
N LEU A 270 -11.74 -0.03 -4.79
CA LEU A 270 -12.02 0.82 -3.66
C LEU A 270 -12.99 0.04 -2.79
N ASP A 271 -12.57 -0.27 -1.56
CA ASP A 271 -13.44 -1.01 -0.66
C ASP A 271 -14.21 -0.04 0.19
N CYS A 272 -15.49 0.12 -0.13
CA CYS A 272 -16.37 1.02 0.61
C CYS A 272 -17.36 0.23 1.45
N ALA A 273 -16.97 -0.98 1.84
CA ALA A 273 -17.80 -1.86 2.67
C ALA A 273 -16.99 -2.11 3.94
N GLY A 274 -15.75 -2.56 3.77
CA GLY A 274 -14.86 -2.79 4.89
C GLY A 274 -14.88 -4.08 5.69
N THR A 275 -15.41 -5.16 5.14
CA THR A 275 -15.43 -6.43 5.89
C THR A 275 -14.18 -7.24 5.58
N ALA A 276 -14.00 -8.35 6.28
CA ALA A 276 -12.84 -9.20 6.04
C ALA A 276 -12.90 -9.68 4.59
N GLN A 277 -14.10 -10.01 4.14
CA GLN A 277 -14.30 -10.50 2.77
C GLN A 277 -13.93 -9.45 1.72
N THR A 278 -14.53 -8.27 1.84
CA THR A 278 -14.27 -7.21 0.86
C THR A 278 -12.81 -6.76 0.86
N LEU A 279 -12.23 -6.57 2.05
CA LEU A 279 -10.84 -6.14 2.14
C LEU A 279 -9.92 -7.11 1.37
N LYS A 280 -10.11 -8.41 1.57
CA LYS A 280 -9.30 -9.39 0.86
C LYS A 280 -9.62 -9.38 -0.62
N ALA A 281 -10.91 -9.36 -0.94
CA ALA A 281 -11.35 -9.36 -2.33
C ALA A 281 -10.88 -8.12 -3.08
N ALA A 282 -10.90 -6.97 -2.40
CA ALA A 282 -10.49 -5.70 -3.01
C ALA A 282 -9.03 -5.71 -3.45
N VAL A 283 -8.20 -6.47 -2.73
CA VAL A 283 -6.79 -6.57 -3.07
C VAL A 283 -6.59 -7.64 -4.16
N ASP A 284 -7.25 -8.78 -3.99
CA ASP A 284 -7.14 -9.89 -4.96
C ASP A 284 -7.61 -9.54 -6.36
N CYS A 285 -8.67 -8.76 -6.47
CA CYS A 285 -9.23 -8.41 -7.77
C CYS A 285 -8.46 -7.40 -8.59
N THR A 286 -7.39 -6.84 -8.04
CA THR A 286 -6.59 -5.86 -8.79
C THR A 286 -5.53 -6.56 -9.61
N VAL A 287 -5.10 -5.92 -10.71
CA VAL A 287 -4.08 -6.50 -11.57
C VAL A 287 -2.73 -6.50 -10.89
N LEU A 288 -1.94 -7.54 -11.11
CA LEU A 288 -0.60 -7.59 -10.54
C LEU A 288 0.19 -6.57 -11.35
N GLY A 289 1.40 -6.25 -10.91
CA GLY A 289 2.20 -5.27 -11.64
C GLY A 289 1.95 -3.85 -11.18
N TRP A 290 0.70 -3.40 -11.24
CA TRP A 290 0.39 -2.03 -10.82
C TRP A 290 -0.98 -1.88 -10.14
N GLY A 291 -1.62 -3.01 -9.81
CA GLY A 291 -2.91 -2.96 -9.17
C GLY A 291 -2.90 -2.15 -7.89
N SER A 292 -3.89 -1.30 -7.71
CA SER A 292 -3.98 -0.45 -6.54
C SER A 292 -5.29 -0.62 -5.79
N CYS A 293 -5.19 -0.88 -4.49
CA CYS A 293 -6.38 -1.03 -3.66
C CYS A 293 -6.44 0.11 -2.65
N THR A 294 -7.61 0.74 -2.56
CA THR A 294 -7.79 1.84 -1.62
C THR A 294 -8.83 1.48 -0.56
N VAL A 295 -8.43 1.47 0.71
CA VAL A 295 -9.37 1.17 1.77
C VAL A 295 -10.15 2.42 2.14
N VAL A 296 -11.48 2.33 2.07
CA VAL A 296 -12.34 3.46 2.42
C VAL A 296 -13.12 3.08 3.67
N GLY A 297 -13.85 1.97 3.57
CA GLY A 297 -14.61 1.49 4.72
C GLY A 297 -13.76 0.48 5.47
N ALA A 298 -14.02 0.32 6.77
CA ALA A 298 -13.26 -0.62 7.58
C ALA A 298 -14.04 -1.05 8.80
N LYS A 299 -14.72 -2.19 8.72
CA LYS A 299 -15.49 -2.71 9.83
C LYS A 299 -14.59 -3.54 10.73
N VAL A 300 -13.44 -3.94 10.19
CA VAL A 300 -12.48 -4.75 10.93
C VAL A 300 -11.18 -3.99 11.15
N ASP A 301 -10.48 -4.31 12.24
CA ASP A 301 -9.23 -3.63 12.58
C ASP A 301 -8.02 -3.98 11.73
N GLU A 302 -8.07 -5.12 11.04
CA GLU A 302 -6.94 -5.53 10.23
C GLU A 302 -7.30 -6.21 8.93
N MET A 303 -6.34 -6.23 8.02
CA MET A 303 -6.49 -6.87 6.73
C MET A 303 -5.20 -7.66 6.54
N THR A 304 -5.31 -8.85 5.98
CA THR A 304 -4.16 -9.71 5.76
C THR A 304 -3.91 -9.86 4.28
N ILE A 305 -2.72 -9.46 3.83
CA ILE A 305 -2.39 -9.57 2.42
C ILE A 305 -1.11 -10.36 2.19
N PRO A 306 -1.14 -11.31 1.25
CA PRO A 306 0.03 -12.14 0.95
C PRO A 306 1.24 -11.26 0.61
N THR A 307 2.42 -11.72 1.01
CA THR A 307 3.65 -10.98 0.75
C THR A 307 3.94 -10.97 -0.77
N VAL A 308 3.68 -12.10 -1.40
CA VAL A 308 3.92 -12.25 -2.83
C VAL A 308 3.09 -11.28 -3.67
N ASP A 309 1.90 -10.92 -3.18
CA ASP A 309 1.03 -10.00 -3.91
C ASP A 309 1.64 -8.62 -4.04
N VAL A 310 2.15 -8.07 -2.93
CA VAL A 310 2.77 -6.75 -2.98
C VAL A 310 4.08 -6.83 -3.75
N ILE A 311 4.81 -7.92 -3.56
CA ILE A 311 6.08 -8.10 -4.28
C ILE A 311 5.81 -8.11 -5.78
N LEU A 312 4.69 -8.67 -6.19
CA LEU A 312 4.37 -8.72 -7.61
C LEU A 312 3.63 -7.52 -8.16
N GLY A 313 3.68 -6.40 -7.43
CA GLY A 313 3.06 -5.19 -7.94
C GLY A 313 1.78 -4.62 -7.38
N ARG A 314 1.12 -5.30 -6.44
CA ARG A 314 -0.10 -4.74 -5.88
C ARG A 314 0.26 -3.76 -4.77
N SER A 315 -0.47 -2.65 -4.71
CA SER A 315 -0.26 -1.62 -3.70
C SER A 315 -1.52 -1.44 -2.88
N ILE A 316 -1.35 -1.01 -1.63
CA ILE A 316 -2.49 -0.77 -0.76
C ILE A 316 -2.36 0.57 -0.03
N ASN A 317 -3.45 1.33 -0.03
CA ASN A 317 -3.48 2.61 0.69
C ASN A 317 -4.90 2.82 1.19
N GLY A 318 -5.16 3.96 1.81
CA GLY A 318 -6.49 4.22 2.33
C GLY A 318 -6.79 5.69 2.38
N THR A 319 -8.06 6.04 2.52
CA THR A 319 -8.46 7.43 2.52
C THR A 319 -8.99 7.89 3.89
N PHE A 320 -9.01 9.20 4.06
CA PHE A 320 -9.50 9.86 5.28
C PHE A 320 -10.25 11.07 4.72
N PHE A 321 -11.58 11.02 4.77
CA PHE A 321 -12.41 12.09 4.25
C PHE A 321 -12.08 12.34 2.76
N GLY A 322 -11.90 11.26 2.01
CA GLY A 322 -11.61 11.36 0.59
C GLY A 322 -10.31 12.05 0.17
N GLY A 323 -9.40 12.27 1.10
CA GLY A 323 -8.14 12.92 0.76
C GLY A 323 -8.28 14.42 0.52
N TRP A 324 -9.43 14.99 0.86
CA TRP A 324 -9.63 16.42 0.64
C TRP A 324 -9.08 17.28 1.75
N LYS A 325 -8.42 18.37 1.38
CA LYS A 325 -7.95 19.34 2.37
C LYS A 325 -9.33 19.95 2.63
N SER A 326 -9.96 19.51 3.71
CA SER A 326 -11.32 19.93 4.06
C SER A 326 -11.71 21.39 3.91
N VAL A 327 -11.06 22.29 4.64
CA VAL A 327 -11.42 23.69 4.57
C VAL A 327 -11.37 24.25 3.15
N ASP A 328 -10.32 23.94 2.40
CA ASP A 328 -10.18 24.45 1.04
C ASP A 328 -11.09 23.76 0.01
N SER A 329 -11.22 22.44 0.14
CA SER A 329 -12.00 21.64 -0.81
C SER A 329 -13.52 21.61 -0.69
N VAL A 330 -14.03 21.55 0.53
CA VAL A 330 -15.47 21.51 0.73
C VAL A 330 -16.20 22.62 -0.02
N PRO A 331 -15.71 23.87 0.06
CA PRO A 331 -16.41 24.93 -0.66
C PRO A 331 -16.44 24.63 -2.16
N ASN A 332 -15.37 24.03 -2.68
CA ASN A 332 -15.29 23.70 -4.09
C ASN A 332 -16.28 22.60 -4.50
N LEU A 333 -16.51 21.65 -3.60
CA LEU A 333 -17.45 20.57 -3.87
C LEU A 333 -18.85 21.17 -3.94
N VAL A 334 -19.12 22.13 -3.07
CA VAL A 334 -20.42 22.80 -3.06
C VAL A 334 -20.63 23.51 -4.41
N SER A 335 -19.59 24.16 -4.91
CA SER A 335 -19.68 24.86 -6.19
C SER A 335 -19.86 23.87 -7.34
N ASP A 336 -19.14 22.75 -7.27
CA ASP A 336 -19.26 21.73 -8.32
C ASP A 336 -20.71 21.23 -8.39
N TYR A 337 -21.34 21.08 -7.23
CA TYR A 337 -22.72 20.62 -7.17
C TYR A 337 -23.63 21.69 -7.76
N LYS A 338 -23.36 22.95 -7.45
CA LYS A 338 -24.17 24.03 -7.99
C LYS A 338 -24.08 23.99 -9.51
N ASN A 339 -22.89 23.66 -10.02
CA ASN A 339 -22.67 23.57 -11.46
C ASN A 339 -23.08 22.21 -12.01
N LYS A 340 -23.78 21.43 -11.19
CA LYS A 340 -24.28 20.12 -11.58
C LYS A 340 -23.20 19.14 -12.03
N LYS A 341 -22.03 19.18 -11.40
CA LYS A 341 -20.97 18.25 -11.78
C LYS A 341 -21.36 16.82 -11.38
N PHE A 342 -22.24 16.73 -10.38
CA PHE A 342 -22.72 15.44 -9.89
C PHE A 342 -24.05 15.70 -9.20
N ASP A 343 -24.89 14.67 -9.12
CA ASP A 343 -26.21 14.84 -8.51
C ASP A 343 -26.34 14.18 -7.15
N LEU A 344 -26.28 14.99 -6.09
CA LEU A 344 -26.40 14.51 -4.72
C LEU A 344 -27.80 14.01 -4.37
N ASP A 345 -28.79 14.43 -5.14
CA ASP A 345 -30.17 14.01 -4.89
C ASP A 345 -30.33 12.50 -5.00
N LEU A 346 -29.54 11.87 -5.87
CA LEU A 346 -29.66 10.42 -6.04
C LEU A 346 -29.19 9.68 -4.80
N LEU A 347 -28.53 10.39 -3.89
CA LEU A 347 -28.05 9.79 -2.66
C LEU A 347 -29.04 9.87 -1.52
N VAL A 348 -30.12 10.61 -1.72
CA VAL A 348 -31.15 10.76 -0.69
C VAL A 348 -32.35 9.88 -0.96
N THR A 349 -32.59 8.92 -0.07
CA THR A 349 -33.71 8.00 -0.22
C THR A 349 -34.85 8.33 0.73
N HIS A 350 -34.54 9.02 1.82
CA HIS A 350 -35.54 9.40 2.82
C HIS A 350 -35.28 10.80 3.39
N ALA A 351 -36.33 11.37 3.99
CA ALA A 351 -36.28 12.69 4.62
C ALA A 351 -37.31 12.66 5.76
N LEU A 352 -36.81 12.60 6.99
CA LEU A 352 -37.68 12.54 8.15
C LEU A 352 -37.44 13.66 9.14
N PRO A 353 -38.36 13.85 10.09
CA PRO A 353 -38.22 14.89 11.10
C PRO A 353 -37.09 14.45 12.02
N PHE A 354 -36.37 15.40 12.60
CA PHE A 354 -35.28 15.05 13.49
C PHE A 354 -35.74 14.07 14.57
N GLU A 355 -36.92 14.29 15.11
CA GLU A 355 -37.48 13.43 16.16
C GLU A 355 -37.47 11.95 15.76
N SER A 356 -37.58 11.69 14.46
CA SER A 356 -37.59 10.33 13.94
C SER A 356 -36.19 9.83 13.65
N ILE A 357 -35.20 10.39 14.33
CA ILE A 357 -33.82 9.98 14.11
C ILE A 357 -33.60 8.48 14.27
N ASN A 358 -34.22 7.88 15.28
CA ASN A 358 -34.07 6.46 15.50
C ASN A 358 -34.58 5.62 14.34
N ASP A 359 -35.61 6.12 13.64
CA ASP A 359 -36.13 5.39 12.48
C ASP A 359 -35.11 5.50 11.35
N ALA A 360 -34.42 6.64 11.29
CA ALA A 360 -33.41 6.85 10.25
C ALA A 360 -32.31 5.84 10.49
N ILE A 361 -31.99 5.61 11.77
CA ILE A 361 -30.96 4.66 12.14
C ILE A 361 -31.36 3.25 11.73
N ASP A 362 -32.59 2.86 12.03
CA ASP A 362 -33.07 1.53 11.68
C ASP A 362 -33.02 1.30 10.17
N LEU A 363 -33.49 2.29 9.40
CA LEU A 363 -33.48 2.19 7.96
C LEU A 363 -32.08 1.85 7.45
N MET A 364 -31.08 2.52 8.02
CA MET A 364 -29.70 2.29 7.62
C MET A 364 -29.20 0.92 8.05
N LYS A 365 -29.39 0.58 9.32
CA LYS A 365 -28.96 -0.70 9.85
C LYS A 365 -29.55 -1.83 8.98
N GLU A 366 -30.79 -1.63 8.58
CA GLU A 366 -31.51 -2.60 7.75
C GLU A 366 -31.14 -2.49 6.27
N GLY A 367 -30.25 -1.56 5.94
CA GLY A 367 -29.81 -1.38 4.58
C GLY A 367 -30.90 -0.98 3.61
N LYS A 368 -31.93 -0.31 4.10
CA LYS A 368 -33.04 0.11 3.26
C LYS A 368 -32.90 1.54 2.75
N SER A 369 -31.80 2.20 3.10
CA SER A 369 -31.59 3.58 2.67
C SER A 369 -30.14 3.85 2.28
N ILE A 370 -29.93 4.99 1.63
CA ILE A 370 -28.59 5.41 1.27
C ILE A 370 -28.35 6.46 2.34
N ARG A 371 -29.05 7.58 2.24
CA ARG A 371 -28.97 8.63 3.22
C ARG A 371 -30.36 9.18 3.53
N THR A 372 -30.58 9.52 4.79
CA THR A 372 -31.86 10.07 5.22
C THR A 372 -31.58 11.49 5.69
N ILE A 373 -32.23 12.47 5.07
CA ILE A 373 -32.06 13.86 5.46
C ILE A 373 -32.95 14.19 6.66
N LEU A 374 -32.35 14.52 7.79
CA LEU A 374 -33.10 14.87 8.99
C LEU A 374 -33.10 16.38 9.17
N THR A 375 -34.27 16.97 9.38
CA THR A 375 -34.38 18.41 9.59
C THR A 375 -35.10 18.71 10.90
N PHE A 376 -34.81 19.88 11.49
CA PHE A 376 -35.45 20.28 12.73
C PHE A 376 -36.64 21.17 12.44
N GLY B 4 27.10 -26.14 -31.64
CA GLY B 4 26.05 -26.97 -30.99
C GLY B 4 26.63 -28.16 -30.23
N LYS B 5 27.81 -27.96 -29.64
CA LYS B 5 28.46 -29.02 -28.89
C LYS B 5 27.91 -29.14 -27.47
N VAL B 6 27.80 -30.38 -26.99
CA VAL B 6 27.33 -30.61 -25.64
C VAL B 6 28.54 -30.44 -24.73
N ILE B 7 28.43 -29.58 -23.73
CA ILE B 7 29.55 -29.34 -22.83
C ILE B 7 29.47 -30.16 -21.54
N LYS B 8 30.59 -30.74 -21.15
CA LYS B 8 30.65 -31.52 -19.93
C LYS B 8 31.37 -30.68 -18.89
N CYS B 9 30.67 -30.34 -17.82
CA CYS B 9 31.24 -29.52 -16.77
C CYS B 9 30.70 -29.93 -15.42
N LYS B 10 31.17 -29.25 -14.39
CA LYS B 10 30.69 -29.53 -13.05
C LYS B 10 29.62 -28.51 -12.70
N ALA B 11 28.72 -28.89 -11.81
CA ALA B 11 27.64 -28.02 -11.38
C ALA B 11 27.13 -28.54 -10.06
N ALA B 12 26.40 -27.70 -9.33
CA ALA B 12 25.85 -28.10 -8.05
C ALA B 12 24.39 -28.48 -8.27
N ILE B 13 24.05 -29.72 -7.91
CA ILE B 13 22.69 -30.20 -8.09
C ILE B 13 22.03 -30.51 -6.75
N ALA B 14 20.76 -30.13 -6.63
CA ALA B 14 19.98 -30.42 -5.44
C ALA B 14 19.09 -31.57 -5.88
N TRP B 15 19.39 -32.76 -5.40
CA TRP B 15 18.63 -33.95 -5.76
C TRP B 15 17.29 -34.04 -5.06
N LYS B 16 17.21 -33.50 -3.86
CA LYS B 16 15.97 -33.52 -3.09
C LYS B 16 16.05 -32.57 -1.91
N THR B 17 14.89 -32.26 -1.34
CA THR B 17 14.80 -31.35 -0.21
C THR B 17 15.45 -31.97 1.02
N GLY B 18 15.90 -31.11 1.93
CA GLY B 18 16.52 -31.59 3.15
C GLY B 18 17.99 -31.95 3.00
N SER B 19 18.50 -31.92 1.78
CA SER B 19 19.91 -32.25 1.55
C SER B 19 20.64 -31.10 0.87
N PRO B 20 21.95 -30.95 1.15
CA PRO B 20 22.73 -29.88 0.55
C PRO B 20 22.95 -30.13 -0.94
N LEU B 21 23.61 -29.18 -1.59
CA LEU B 21 23.90 -29.31 -3.02
C LEU B 21 25.06 -30.28 -3.18
N CYS B 22 25.10 -30.95 -4.33
CA CYS B 22 26.18 -31.90 -4.63
C CYS B 22 26.89 -31.44 -5.88
N ILE B 23 28.22 -31.45 -5.85
CA ILE B 23 28.99 -31.09 -7.02
C ILE B 23 28.92 -32.34 -7.90
N GLU B 24 28.45 -32.18 -9.13
CA GLU B 24 28.32 -33.30 -10.05
C GLU B 24 28.86 -32.91 -11.42
N GLU B 25 29.13 -33.92 -12.24
CA GLU B 25 29.57 -33.67 -13.60
C GLU B 25 28.30 -33.78 -14.42
N ILE B 26 27.93 -32.69 -15.08
CA ILE B 26 26.70 -32.67 -15.87
C ILE B 26 26.97 -32.41 -17.33
N GLU B 27 25.93 -32.58 -18.14
CA GLU B 27 26.02 -32.34 -19.57
C GLU B 27 25.11 -31.16 -19.89
N VAL B 28 25.69 -30.06 -20.35
CA VAL B 28 24.92 -28.87 -20.67
C VAL B 28 24.73 -28.80 -22.19
N SER B 29 23.51 -29.06 -22.63
CA SER B 29 23.18 -29.05 -24.05
C SER B 29 23.42 -27.65 -24.63
N PRO B 30 23.56 -27.57 -25.97
CA PRO B 30 23.79 -26.28 -26.63
C PRO B 30 22.53 -25.42 -26.64
N PRO B 31 22.68 -24.10 -26.81
CA PRO B 31 21.51 -23.22 -26.83
C PRO B 31 20.68 -23.36 -28.10
N LYS B 32 19.37 -23.40 -27.95
CA LYS B 32 18.45 -23.49 -29.08
C LYS B 32 18.10 -22.07 -29.50
N ALA B 33 16.95 -21.91 -30.15
CA ALA B 33 16.50 -20.59 -30.60
C ALA B 33 16.19 -19.69 -29.41
N CYS B 34 16.55 -18.41 -29.53
CA CYS B 34 16.32 -17.44 -28.48
C CYS B 34 16.93 -17.87 -27.15
N GLU B 35 18.13 -18.43 -27.21
CA GLU B 35 18.84 -18.88 -26.01
C GLU B 35 20.33 -18.60 -26.12
N VAL B 36 20.99 -18.55 -24.97
CA VAL B 36 22.42 -18.28 -24.91
C VAL B 36 23.07 -19.16 -23.85
N ARG B 37 24.18 -19.81 -24.21
CA ARG B 37 24.88 -20.63 -23.24
C ARG B 37 25.98 -19.76 -22.66
N ILE B 38 25.88 -19.52 -21.36
CA ILE B 38 26.81 -18.69 -20.65
C ILE B 38 27.86 -19.47 -19.87
N GLN B 39 29.08 -18.92 -19.81
CA GLN B 39 30.13 -19.56 -19.04
C GLN B 39 30.12 -18.74 -17.77
N VAL B 40 29.69 -19.33 -16.66
CA VAL B 40 29.65 -18.60 -15.40
C VAL B 40 31.06 -18.34 -14.88
N ILE B 41 31.37 -17.07 -14.64
CA ILE B 41 32.69 -16.69 -14.14
C ILE B 41 32.66 -16.44 -12.63
N ALA B 42 31.55 -15.90 -12.15
CA ALA B 42 31.40 -15.62 -10.72
C ALA B 42 29.92 -15.70 -10.36
N THR B 43 29.62 -16.42 -9.29
CA THR B 43 28.25 -16.57 -8.84
C THR B 43 28.17 -16.55 -7.32
N CYS B 44 27.11 -15.97 -6.78
CA CYS B 44 26.93 -15.90 -5.35
C CYS B 44 25.75 -16.74 -4.91
N VAL B 45 25.72 -17.08 -3.63
CA VAL B 45 24.62 -17.82 -3.09
C VAL B 45 23.67 -16.78 -2.51
N CYS B 46 22.41 -16.86 -2.88
CA CYS B 46 21.40 -15.95 -2.37
C CYS B 46 20.51 -16.75 -1.43
N PRO B 47 19.96 -16.10 -0.39
CA PRO B 47 19.10 -16.86 0.52
C PRO B 47 17.99 -17.62 -0.21
N THR B 48 17.58 -17.11 -1.37
CA THR B 48 16.53 -17.77 -2.15
C THR B 48 17.02 -19.14 -2.65
N ASP B 49 18.31 -19.25 -2.93
CA ASP B 49 18.89 -20.51 -3.38
C ASP B 49 18.86 -21.51 -2.22
N ILE B 50 19.16 -21.02 -1.02
CA ILE B 50 19.17 -21.87 0.16
C ILE B 50 17.77 -22.38 0.50
N ASN B 51 16.77 -21.50 0.38
CA ASN B 51 15.39 -21.88 0.69
C ASN B 51 14.84 -23.06 -0.11
N ALA B 52 15.31 -23.20 -1.35
CA ALA B 52 14.84 -24.27 -2.22
C ALA B 52 14.98 -25.64 -1.59
N THR B 53 16.00 -25.84 -0.77
CA THR B 53 16.21 -27.13 -0.12
C THR B 53 15.57 -27.24 1.26
N ASP B 54 14.80 -26.22 1.64
CA ASP B 54 14.12 -26.23 2.93
C ASP B 54 12.77 -26.91 2.76
N PRO B 55 12.57 -28.06 3.42
CA PRO B 55 11.34 -28.86 3.38
C PRO B 55 10.05 -28.05 3.53
N LYS B 56 10.11 -26.96 4.27
CA LYS B 56 8.93 -26.12 4.48
C LYS B 56 8.63 -25.25 3.26
N LYS B 57 9.54 -25.24 2.30
CA LYS B 57 9.36 -24.43 1.09
C LYS B 57 9.08 -25.28 -0.14
N LYS B 58 8.25 -24.74 -1.03
CA LYS B 58 7.89 -25.41 -2.27
C LYS B 58 9.07 -25.32 -3.23
N ALA B 59 9.44 -26.44 -3.85
CA ALA B 59 10.56 -26.46 -4.79
C ALA B 59 10.49 -27.70 -5.67
N LEU B 60 11.25 -27.69 -6.76
CA LEU B 60 11.28 -28.81 -7.69
C LEU B 60 12.65 -29.49 -7.67
N PHE B 61 12.65 -30.80 -7.84
CA PHE B 61 13.87 -31.60 -7.82
C PHE B 61 13.86 -32.68 -8.90
N PRO B 62 15.04 -33.03 -9.42
CA PRO B 62 16.34 -32.46 -9.04
C PRO B 62 16.51 -31.11 -9.73
N VAL B 63 17.35 -30.25 -9.16
CA VAL B 63 17.53 -28.93 -9.74
C VAL B 63 18.91 -28.33 -9.62
N VAL B 64 19.28 -27.54 -10.62
CA VAL B 64 20.55 -26.83 -10.62
C VAL B 64 20.16 -25.45 -10.10
N LEU B 65 20.50 -25.17 -8.84
CA LEU B 65 20.17 -23.90 -8.21
C LEU B 65 21.06 -22.75 -8.63
N GLY B 66 20.87 -21.60 -7.99
CA GLY B 66 21.67 -20.42 -8.28
C GLY B 66 21.01 -19.54 -9.32
N HIS B 67 21.16 -18.23 -9.18
CA HIS B 67 20.58 -17.29 -10.11
C HIS B 67 21.24 -15.91 -10.06
N GLU B 68 22.23 -15.74 -9.20
CA GLU B 68 22.94 -14.48 -9.09
C GLU B 68 24.36 -14.71 -9.60
N CYS B 69 24.66 -14.18 -10.79
CA CYS B 69 25.98 -14.38 -11.37
C CYS B 69 26.26 -13.41 -12.52
N ALA B 70 27.45 -13.59 -13.08
CA ALA B 70 27.92 -12.83 -14.22
C ALA B 70 28.83 -13.81 -14.95
N GLY B 71 28.91 -13.68 -16.27
CA GLY B 71 29.76 -14.56 -17.04
C GLY B 71 30.00 -14.00 -18.42
N ILE B 72 30.31 -14.87 -19.36
CA ILE B 72 30.55 -14.46 -20.73
C ILE B 72 29.86 -15.43 -21.66
N VAL B 73 29.54 -14.97 -22.86
CA VAL B 73 28.85 -15.84 -23.83
C VAL B 73 29.80 -16.90 -24.38
N GLU B 74 29.38 -18.15 -24.23
CA GLU B 74 30.16 -19.27 -24.73
C GLU B 74 29.72 -19.54 -26.16
N SER B 75 28.41 -19.48 -26.37
CA SER B 75 27.82 -19.70 -27.70
C SER B 75 26.35 -19.28 -27.67
N VAL B 76 25.87 -18.74 -28.78
CA VAL B 76 24.48 -18.31 -28.88
C VAL B 76 23.67 -19.31 -29.68
N GLY B 77 22.34 -19.22 -29.57
CA GLY B 77 21.48 -20.12 -30.30
C GLY B 77 21.12 -19.60 -31.68
N PRO B 78 20.44 -20.41 -32.50
CA PRO B 78 20.05 -19.99 -33.85
C PRO B 78 19.26 -18.68 -33.87
N GLY B 79 19.63 -17.79 -34.79
CA GLY B 79 18.94 -16.52 -34.91
C GLY B 79 19.40 -15.45 -33.95
N VAL B 80 20.12 -15.84 -32.90
CA VAL B 80 20.61 -14.89 -31.91
C VAL B 80 21.66 -13.96 -32.54
N THR B 81 21.41 -12.66 -32.46
CA THR B 81 22.32 -11.67 -33.03
C THR B 81 22.76 -10.66 -31.98
N ASN B 82 21.98 -10.54 -30.91
CA ASN B 82 22.29 -9.59 -29.84
C ASN B 82 23.43 -10.08 -28.96
N PHE B 83 23.81 -11.33 -29.14
CA PHE B 83 24.88 -11.93 -28.34
C PHE B 83 25.86 -12.74 -29.20
N LYS B 84 27.13 -12.71 -28.81
CA LYS B 84 28.19 -13.46 -29.50
C LYS B 84 29.20 -13.96 -28.46
N PRO B 85 29.91 -15.04 -28.78
CA PRO B 85 30.90 -15.59 -27.84
C PRO B 85 31.89 -14.52 -27.37
N GLY B 86 32.09 -14.43 -26.05
CA GLY B 86 33.02 -13.45 -25.53
C GLY B 86 32.35 -12.25 -24.86
N ASP B 87 31.10 -11.96 -25.23
CA ASP B 87 30.41 -10.84 -24.61
C ASP B 87 30.22 -11.10 -23.13
N LYS B 88 30.35 -10.05 -22.33
CA LYS B 88 30.14 -10.17 -20.90
C LYS B 88 28.63 -10.01 -20.72
N VAL B 89 28.03 -10.90 -19.94
CA VAL B 89 26.59 -10.86 -19.72
C VAL B 89 26.20 -11.13 -18.26
N ILE B 90 24.99 -10.72 -17.92
CA ILE B 90 24.45 -10.93 -16.57
C ILE B 90 23.02 -11.45 -16.73
N PRO B 91 22.76 -12.68 -16.28
CA PRO B 91 21.42 -13.23 -16.38
C PRO B 91 20.63 -12.78 -15.14
N PHE B 92 19.34 -13.07 -15.10
CA PHE B 92 18.52 -12.66 -13.96
C PHE B 92 17.18 -13.37 -13.98
N PHE B 93 16.55 -13.47 -12.81
CA PHE B 93 15.26 -14.16 -12.71
C PHE B 93 14.09 -13.35 -13.28
N ALA B 94 14.22 -12.02 -13.29
CA ALA B 94 13.17 -11.16 -13.81
C ALA B 94 13.33 -11.00 -15.32
N PRO B 95 12.50 -11.72 -16.10
CA PRO B 95 12.64 -11.60 -17.56
C PRO B 95 11.99 -10.36 -18.18
N GLN B 96 12.39 -10.09 -19.42
CA GLN B 96 11.86 -8.99 -20.21
C GLN B 96 11.95 -9.50 -21.65
N CYS B 97 11.05 -10.41 -21.99
CA CYS B 97 11.02 -11.02 -23.31
C CYS B 97 10.75 -10.01 -24.41
N LYS B 98 10.19 -8.86 -24.05
CA LYS B 98 9.87 -7.82 -25.03
C LYS B 98 8.97 -8.37 -26.13
N ARG B 99 8.16 -9.36 -25.79
CA ARG B 99 7.24 -9.98 -26.73
C ARG B 99 5.86 -10.11 -26.12
N CYS B 100 5.64 -9.47 -24.97
CA CYS B 100 4.35 -9.55 -24.30
C CYS B 100 3.82 -8.18 -23.92
N LYS B 101 2.61 -8.17 -23.38
CA LYS B 101 1.93 -6.95 -22.95
C LYS B 101 2.60 -6.27 -21.75
N LEU B 102 3.00 -7.06 -20.76
CA LEU B 102 3.63 -6.55 -19.57
C LEU B 102 4.94 -5.81 -19.85
N CYS B 103 5.73 -6.34 -20.77
CA CYS B 103 7.00 -5.71 -21.12
C CYS B 103 6.78 -4.33 -21.72
N LEU B 104 5.72 -4.18 -22.50
CA LEU B 104 5.39 -2.91 -23.13
C LEU B 104 4.88 -1.89 -22.13
N SER B 105 4.36 -2.37 -21.00
CA SER B 105 3.83 -1.48 -19.97
C SER B 105 4.86 -0.76 -19.12
N PRO B 106 4.74 0.57 -19.01
CA PRO B 106 5.66 1.37 -18.22
C PRO B 106 5.32 1.37 -16.73
N LEU B 107 4.26 0.67 -16.36
CA LEU B 107 3.83 0.62 -14.96
C LEU B 107 4.28 -0.63 -14.22
N THR B 108 5.05 -1.49 -14.88
CA THR B 108 5.54 -2.71 -14.25
C THR B 108 6.76 -3.28 -14.96
N ASN B 109 7.54 -4.07 -14.22
CA ASN B 109 8.72 -4.71 -14.79
C ASN B 109 8.46 -6.21 -14.83
N LEU B 110 7.20 -6.60 -14.63
CA LEU B 110 6.83 -8.01 -14.69
C LEU B 110 6.85 -8.40 -16.17
N CYS B 111 6.85 -9.69 -16.45
CA CYS B 111 6.90 -10.18 -17.82
C CYS B 111 6.02 -11.39 -18.02
N GLY B 112 5.29 -11.40 -19.14
CA GLY B 112 4.40 -12.51 -19.46
C GLY B 112 5.05 -13.87 -19.48
N LYS B 113 6.39 -13.90 -19.50
CA LYS B 113 7.11 -15.16 -19.51
C LYS B 113 6.84 -15.88 -18.19
N LEU B 114 6.59 -15.09 -17.14
CA LEU B 114 6.32 -15.63 -15.82
C LEU B 114 4.93 -16.26 -15.86
N ARG B 115 4.75 -17.35 -15.13
CA ARG B 115 3.46 -18.03 -15.13
C ARG B 115 2.91 -18.34 -13.74
N ASN B 116 3.79 -18.60 -12.78
CA ASN B 116 3.33 -18.91 -11.43
C ASN B 116 3.47 -17.67 -10.56
N PHE B 117 2.36 -16.99 -10.29
CA PHE B 117 2.40 -15.78 -9.49
C PHE B 117 2.12 -16.01 -8.00
N LYS B 118 2.20 -17.26 -7.58
CA LYS B 118 1.99 -17.59 -6.17
C LYS B 118 3.31 -18.14 -5.63
N TYR B 119 4.05 -18.83 -6.50
CA TYR B 119 5.34 -19.40 -6.14
C TYR B 119 6.36 -19.19 -7.26
N PRO B 120 6.85 -17.94 -7.42
CA PRO B 120 7.83 -17.67 -8.47
C PRO B 120 9.13 -18.46 -8.37
N THR B 121 9.46 -18.96 -7.18
CA THR B 121 10.69 -19.72 -7.01
C THR B 121 10.67 -21.06 -7.74
N ILE B 122 9.49 -21.56 -8.08
CA ILE B 122 9.39 -22.83 -8.81
C ILE B 122 8.99 -22.60 -10.26
N ASP B 123 9.03 -21.34 -10.67
CA ASP B 123 8.67 -20.95 -12.05
C ASP B 123 9.93 -20.92 -12.91
N GLN B 124 9.75 -20.88 -14.23
CA GLN B 124 10.89 -20.84 -15.15
C GLN B 124 11.80 -22.01 -14.78
N GLU B 125 11.19 -23.15 -14.47
CA GLU B 125 11.92 -24.36 -14.10
C GLU B 125 12.39 -25.13 -15.32
N LEU B 126 11.99 -24.65 -16.50
CA LEU B 126 12.38 -25.29 -17.76
C LEU B 126 12.50 -24.17 -18.80
N MET B 127 13.11 -24.46 -19.93
CA MET B 127 13.26 -23.46 -20.97
C MET B 127 11.91 -23.12 -21.61
N GLU B 128 11.93 -22.28 -22.63
CA GLU B 128 10.70 -21.85 -23.29
C GLU B 128 9.93 -23.00 -23.94
N ASP B 129 10.64 -23.98 -24.49
CA ASP B 129 9.97 -25.11 -25.12
C ASP B 129 9.71 -26.23 -24.12
N ARG B 130 9.62 -25.86 -22.84
CA ARG B 130 9.35 -26.81 -21.77
C ARG B 130 10.32 -27.99 -21.69
N THR B 131 11.59 -27.75 -22.01
CA THR B 131 12.60 -28.82 -21.94
C THR B 131 13.82 -28.30 -21.20
N SER B 132 14.59 -29.22 -20.62
CA SER B 132 15.78 -28.85 -19.88
C SER B 132 17.04 -29.00 -20.71
N ARG B 133 18.08 -28.23 -20.36
CA ARG B 133 19.36 -28.28 -21.06
C ARG B 133 20.35 -29.00 -20.18
N PHE B 134 19.90 -29.41 -18.99
CA PHE B 134 20.75 -30.11 -18.04
C PHE B 134 20.46 -31.60 -17.93
N THR B 135 21.54 -32.38 -17.95
CA THR B 135 21.44 -33.82 -17.82
C THR B 135 22.56 -34.29 -16.90
N CYS B 136 22.26 -35.26 -16.06
CA CYS B 136 23.25 -35.80 -15.13
C CYS B 136 22.91 -37.24 -14.81
N LYS B 137 23.80 -38.16 -15.21
CA LYS B 137 23.60 -39.58 -14.97
C LYS B 137 22.28 -40.07 -15.55
N GLY B 138 22.05 -39.74 -16.81
CA GLY B 138 20.84 -40.15 -17.49
C GLY B 138 19.56 -39.55 -16.93
N ARG B 139 19.69 -38.46 -16.21
CA ARG B 139 18.52 -37.79 -15.63
C ARG B 139 18.45 -36.32 -16.00
N SER B 140 17.26 -35.87 -16.37
CA SER B 140 17.03 -34.48 -16.74
C SER B 140 16.87 -33.67 -15.44
N ILE B 141 17.55 -32.54 -15.37
CA ILE B 141 17.50 -31.69 -14.17
C ILE B 141 16.79 -30.37 -14.40
N TYR B 142 15.97 -29.95 -13.45
CA TYR B 142 15.25 -28.68 -13.56
C TYR B 142 16.18 -27.48 -13.53
N HIS B 143 15.76 -26.40 -14.17
CA HIS B 143 16.53 -25.16 -14.17
C HIS B 143 15.96 -24.41 -12.96
N PHE B 144 16.62 -23.33 -12.54
CA PHE B 144 16.12 -22.59 -11.40
C PHE B 144 15.91 -21.11 -11.69
N MET B 145 14.65 -20.70 -11.65
CA MET B 145 14.29 -19.31 -11.90
C MET B 145 14.90 -18.72 -13.16
N GLY B 146 14.90 -19.50 -14.24
CA GLY B 146 15.43 -19.05 -15.51
C GLY B 146 16.93 -18.76 -15.58
N VAL B 147 17.68 -19.13 -14.55
CA VAL B 147 19.12 -18.88 -14.53
C VAL B 147 20.02 -20.11 -14.32
N SER B 148 19.90 -20.77 -13.16
CA SER B 148 20.73 -21.93 -12.82
C SER B 148 22.21 -21.58 -12.97
N SER B 149 22.70 -20.72 -12.09
CA SER B 149 24.09 -20.27 -12.14
C SER B 149 25.11 -21.18 -11.44
N PHE B 150 24.64 -22.15 -10.67
CA PHE B 150 25.57 -23.04 -9.98
C PHE B 150 26.05 -24.14 -10.92
N SER B 151 26.72 -23.71 -11.97
CA SER B 151 27.27 -24.61 -12.99
C SER B 151 28.33 -23.83 -13.76
N GLN B 152 29.35 -24.51 -14.25
CA GLN B 152 30.38 -23.83 -15.01
C GLN B 152 29.74 -23.21 -16.24
N TYR B 153 28.78 -23.91 -16.81
CA TYR B 153 28.06 -23.43 -17.98
C TYR B 153 26.56 -23.60 -17.76
N THR B 154 25.79 -22.65 -18.27
CA THR B 154 24.34 -22.71 -18.15
C THR B 154 23.71 -22.13 -19.41
N VAL B 155 22.44 -22.46 -19.63
CA VAL B 155 21.70 -21.97 -20.78
C VAL B 155 20.49 -21.18 -20.29
N VAL B 156 20.37 -19.93 -20.74
CA VAL B 156 19.25 -19.10 -20.33
C VAL B 156 18.50 -18.56 -21.54
N SER B 157 17.24 -18.22 -21.32
CA SER B 157 16.43 -17.67 -22.38
C SER B 157 16.97 -16.28 -22.65
N GLU B 158 16.85 -15.80 -23.88
CA GLU B 158 17.35 -14.47 -24.21
C GLU B 158 16.66 -13.42 -23.34
N ALA B 159 15.46 -13.74 -22.87
CA ALA B 159 14.70 -12.81 -22.02
C ALA B 159 15.25 -12.72 -20.59
N ASN B 160 16.23 -13.56 -20.27
CA ASN B 160 16.80 -13.58 -18.92
C ASN B 160 18.24 -13.14 -18.78
N LEU B 161 18.76 -12.40 -19.77
CA LEU B 161 20.14 -11.89 -19.70
C LEU B 161 20.32 -10.62 -20.52
N ALA B 162 21.41 -9.91 -20.24
CA ALA B 162 21.73 -8.67 -20.94
C ALA B 162 23.24 -8.54 -21.07
N ARG B 163 23.70 -8.03 -22.22
CA ARG B 163 25.12 -7.83 -22.42
C ARG B 163 25.52 -6.60 -21.64
N VAL B 164 26.69 -6.64 -21.01
CA VAL B 164 27.16 -5.51 -20.22
C VAL B 164 28.56 -5.06 -20.65
N ASP B 165 29.01 -3.94 -20.10
CA ASP B 165 30.31 -3.35 -20.41
C ASP B 165 31.45 -4.39 -20.55
N ASP B 166 32.19 -4.29 -21.65
CA ASP B 166 33.30 -5.22 -21.91
C ASP B 166 34.37 -5.22 -20.84
N GLU B 167 34.51 -4.10 -20.14
CA GLU B 167 35.52 -3.98 -19.09
C GLU B 167 34.93 -4.21 -17.71
N ALA B 168 33.79 -4.91 -17.64
CA ALA B 168 33.14 -5.17 -16.37
C ALA B 168 33.86 -6.25 -15.57
N ASN B 169 34.02 -5.99 -14.27
CA ASN B 169 34.65 -6.95 -13.38
C ASN B 169 33.56 -7.95 -12.99
N LEU B 170 33.51 -9.07 -13.69
CA LEU B 170 32.51 -10.10 -13.45
C LEU B 170 32.53 -10.64 -12.02
N GLU B 171 33.61 -10.31 -11.31
CA GLU B 171 33.81 -10.75 -9.93
C GLU B 171 33.02 -9.86 -8.95
N ARG B 172 32.46 -8.77 -9.45
CA ARG B 172 31.69 -7.83 -8.63
C ARG B 172 30.33 -7.51 -9.23
N VAL B 173 30.28 -7.39 -10.55
CA VAL B 173 29.06 -7.07 -11.27
C VAL B 173 28.02 -8.21 -11.21
N CYS B 174 28.46 -9.38 -10.76
CA CYS B 174 27.56 -10.53 -10.62
C CYS B 174 26.47 -10.22 -9.60
N LEU B 175 26.76 -9.30 -8.68
CA LEU B 175 25.81 -8.90 -7.65
C LEU B 175 24.59 -8.26 -8.30
N ILE B 176 24.79 -7.66 -9.47
CA ILE B 176 23.71 -7.02 -10.20
C ILE B 176 22.72 -8.08 -10.70
N GLY B 177 23.13 -9.33 -10.63
CA GLY B 177 22.26 -10.42 -11.06
C GLY B 177 21.04 -10.59 -10.17
N CYS B 178 21.09 -10.05 -8.95
CA CYS B 178 19.95 -10.16 -8.04
C CYS B 178 19.93 -9.28 -6.81
N GLY B 179 20.82 -9.58 -5.87
CA GLY B 179 20.89 -8.84 -4.62
C GLY B 179 20.99 -7.33 -4.70
N PHE B 180 22.01 -6.82 -5.40
CA PHE B 180 22.17 -5.38 -5.50
C PHE B 180 21.04 -4.70 -6.26
N SER B 181 20.73 -5.21 -7.44
CA SER B 181 19.69 -4.62 -8.28
C SER B 181 18.36 -4.53 -7.54
N SER B 182 18.03 -5.58 -6.80
CA SER B 182 16.79 -5.64 -6.05
C SER B 182 16.71 -4.62 -4.92
N GLY B 183 17.76 -4.52 -4.11
CA GLY B 183 17.75 -3.56 -3.03
C GLY B 183 17.87 -2.14 -3.54
N TYR B 184 18.81 -1.94 -4.46
CA TYR B 184 19.04 -0.63 -5.06
C TYR B 184 17.76 -0.13 -5.71
N GLY B 185 17.21 -0.92 -6.63
CA GLY B 185 15.99 -0.54 -7.31
C GLY B 185 14.78 -0.39 -6.39
N ALA B 186 14.74 -1.18 -5.31
CA ALA B 186 13.63 -1.09 -4.37
C ALA B 186 13.50 0.33 -3.83
N ALA B 187 14.64 0.93 -3.50
CA ALA B 187 14.64 2.28 -2.97
C ALA B 187 14.31 3.30 -4.05
N ILE B 188 15.00 3.20 -5.18
CA ILE B 188 14.83 4.12 -6.30
C ILE B 188 13.53 3.96 -7.09
N ASN B 189 13.25 2.75 -7.55
CA ASN B 189 12.05 2.50 -8.34
C ASN B 189 10.75 2.20 -7.60
N THR B 190 10.82 1.35 -6.59
CA THR B 190 9.61 0.98 -5.88
C THR B 190 9.18 1.97 -4.81
N ALA B 191 10.03 2.19 -3.80
CA ALA B 191 9.70 3.13 -2.74
C ALA B 191 9.69 4.55 -3.31
N LYS B 192 10.45 4.76 -4.38
CA LYS B 192 10.56 6.07 -5.01
C LYS B 192 11.06 7.10 -4.00
N VAL B 193 12.14 6.77 -3.32
CA VAL B 193 12.70 7.67 -2.31
C VAL B 193 12.98 9.04 -2.94
N THR B 194 12.63 10.09 -2.22
CA THR B 194 12.82 11.46 -2.69
C THR B 194 13.93 12.20 -1.95
N PRO B 195 14.52 13.22 -2.59
CA PRO B 195 15.61 14.01 -1.99
C PRO B 195 15.18 14.63 -0.66
N GLY B 196 16.09 14.59 0.32
CA GLY B 196 15.79 15.17 1.62
C GLY B 196 14.90 14.32 2.51
N SER B 197 14.46 13.17 2.00
CA SER B 197 13.57 12.30 2.77
C SER B 197 14.29 11.52 3.86
N THR B 198 13.51 10.89 4.72
CA THR B 198 14.05 10.07 5.81
C THR B 198 13.64 8.63 5.53
N CYS B 199 14.59 7.72 5.61
CA CYS B 199 14.31 6.32 5.33
C CYS B 199 14.70 5.38 6.47
N ALA B 200 14.09 4.20 6.46
CA ALA B 200 14.38 3.15 7.43
C ALA B 200 14.55 1.87 6.62
N VAL B 201 15.68 1.19 6.80
CA VAL B 201 15.95 -0.05 6.10
C VAL B 201 16.09 -1.20 7.11
N PHE B 202 15.23 -2.21 6.99
CA PHE B 202 15.27 -3.37 7.90
C PHE B 202 15.99 -4.54 7.23
N GLY B 203 16.99 -5.09 7.91
CA GLY B 203 17.74 -6.20 7.35
C GLY B 203 18.90 -5.60 6.60
N LEU B 204 20.12 -5.91 7.05
CA LEU B 204 21.32 -5.36 6.43
C LEU B 204 22.20 -6.38 5.72
N GLY B 205 21.58 -7.23 4.92
CA GLY B 205 22.34 -8.18 4.14
C GLY B 205 22.64 -7.45 2.85
N CYS B 206 22.96 -8.18 1.80
CA CYS B 206 23.25 -7.56 0.51
C CYS B 206 22.10 -6.70 0.00
N VAL B 207 20.86 -7.15 0.20
CA VAL B 207 19.70 -6.40 -0.27
C VAL B 207 19.50 -5.11 0.50
N GLY B 208 19.46 -5.20 1.84
CA GLY B 208 19.29 -4.02 2.67
C GLY B 208 20.40 -2.99 2.46
N LEU B 209 21.63 -3.48 2.34
CA LEU B 209 22.76 -2.59 2.11
C LEU B 209 22.61 -1.87 0.77
N SER B 210 22.17 -2.61 -0.25
CA SER B 210 21.99 -2.01 -1.57
C SER B 210 20.84 -1.01 -1.51
N ALA B 211 19.85 -1.28 -0.65
CA ALA B 211 18.71 -0.38 -0.49
C ALA B 211 19.23 0.91 0.15
N ILE B 212 20.21 0.77 1.05
CA ILE B 212 20.79 1.93 1.71
C ILE B 212 21.52 2.73 0.62
N ILE B 213 22.24 2.03 -0.26
CA ILE B 213 22.95 2.70 -1.36
C ILE B 213 21.91 3.41 -2.23
N GLY B 214 20.79 2.73 -2.48
CA GLY B 214 19.74 3.31 -3.29
C GLY B 214 19.19 4.57 -2.63
N CYS B 215 18.89 4.49 -1.34
CA CYS B 215 18.36 5.65 -0.61
C CYS B 215 19.33 6.82 -0.70
N LYS B 216 20.62 6.55 -0.54
CA LYS B 216 21.64 7.60 -0.59
C LYS B 216 21.67 8.24 -1.98
N ILE B 217 21.68 7.42 -3.02
CA ILE B 217 21.72 7.91 -4.38
C ILE B 217 20.46 8.73 -4.69
N ALA B 218 19.33 8.31 -4.15
CA ALA B 218 18.06 9.01 -4.35
C ALA B 218 18.04 10.35 -3.61
N GLY B 219 19.03 10.56 -2.75
CA GLY B 219 19.11 11.81 -2.02
C GLY B 219 18.53 11.86 -0.60
N ALA B 220 18.25 10.71 -0.01
CA ALA B 220 17.71 10.71 1.35
C ALA B 220 18.68 11.47 2.25
N SER B 221 18.13 12.23 3.21
CA SER B 221 18.99 13.00 4.10
C SER B 221 19.27 12.22 5.40
N ARG B 222 18.47 11.19 5.65
CA ARG B 222 18.65 10.36 6.84
C ARG B 222 18.31 8.91 6.49
N ILE B 223 19.20 7.99 6.85
CA ILE B 223 19.00 6.58 6.56
C ILE B 223 19.21 5.73 7.80
N ILE B 224 18.13 5.22 8.39
CA ILE B 224 18.23 4.41 9.61
C ILE B 224 18.34 2.93 9.29
N ALA B 225 19.44 2.31 9.73
CA ALA B 225 19.71 0.90 9.49
C ALA B 225 19.36 0.05 10.71
N ILE B 226 18.50 -0.94 10.51
CA ILE B 226 18.07 -1.80 11.61
C ILE B 226 18.43 -3.26 11.33
N ASP B 227 19.01 -3.91 12.34
CA ASP B 227 19.37 -5.32 12.21
C ASP B 227 19.63 -5.87 13.60
N ILE B 228 19.28 -7.14 13.80
CA ILE B 228 19.48 -7.79 15.09
C ILE B 228 20.91 -8.29 15.18
N ASN B 229 21.66 -8.10 14.10
CA ASN B 229 23.05 -8.52 14.06
C ASN B 229 23.93 -7.27 13.97
N GLY B 230 24.41 -6.81 15.13
CA GLY B 230 25.24 -5.62 15.18
C GLY B 230 26.47 -5.63 14.31
N GLU B 231 26.94 -6.83 13.93
CA GLU B 231 28.12 -6.97 13.09
C GLU B 231 27.89 -6.40 11.69
N LYS B 232 26.62 -6.16 11.36
CA LYS B 232 26.25 -5.64 10.05
C LYS B 232 26.28 -4.11 9.96
N PHE B 233 26.38 -3.45 11.10
CA PHE B 233 26.37 -1.98 11.13
C PHE B 233 27.55 -1.26 10.48
N PRO B 234 28.79 -1.71 10.74
CA PRO B 234 29.96 -1.06 10.14
C PRO B 234 29.84 -0.82 8.64
N LYS B 235 29.39 -1.84 7.91
CA LYS B 235 29.23 -1.73 6.46
C LYS B 235 28.01 -0.87 6.11
N ALA B 236 26.96 -0.94 6.93
CA ALA B 236 25.77 -0.14 6.70
C ALA B 236 26.18 1.34 6.77
N LYS B 237 26.99 1.67 7.77
CA LYS B 237 27.46 3.05 7.93
C LYS B 237 28.38 3.44 6.76
N ALA B 238 29.24 2.51 6.37
CA ALA B 238 30.16 2.75 5.26
C ALA B 238 29.41 3.09 3.99
N LEU B 239 28.18 2.58 3.87
CA LEU B 239 27.37 2.81 2.67
C LEU B 239 26.37 3.96 2.77
N GLY B 240 26.35 4.67 3.89
CA GLY B 240 25.42 5.78 4.00
C GLY B 240 24.50 5.86 5.20
N ALA B 241 24.34 4.76 5.93
CA ALA B 241 23.47 4.76 7.10
C ALA B 241 23.89 5.85 8.07
N THR B 242 22.93 6.65 8.51
CA THR B 242 23.18 7.75 9.44
C THR B 242 22.91 7.32 10.87
N ASP B 243 22.04 6.32 11.03
CA ASP B 243 21.70 5.80 12.35
C ASP B 243 21.61 4.28 12.29
N CYS B 244 21.98 3.62 13.39
CA CYS B 244 21.92 2.16 13.44
C CYS B 244 21.18 1.73 14.70
N LEU B 245 20.23 0.81 14.55
CA LEU B 245 19.45 0.31 15.68
C LEU B 245 19.39 -1.21 15.73
N ASN B 246 19.65 -1.76 16.91
CA ASN B 246 19.58 -3.20 17.09
C ASN B 246 18.40 -3.48 17.99
N PRO B 247 17.32 -4.05 17.44
CA PRO B 247 16.11 -4.37 18.21
C PRO B 247 16.44 -5.15 19.50
N ARG B 248 17.47 -5.99 19.43
CA ARG B 248 17.88 -6.81 20.57
C ARG B 248 18.44 -5.99 21.72
N GLU B 249 18.85 -4.75 21.43
CA GLU B 249 19.42 -3.89 22.46
C GLU B 249 18.53 -2.71 22.84
N LEU B 250 17.27 -2.78 22.42
CA LEU B 250 16.31 -1.73 22.73
C LEU B 250 15.24 -2.32 23.64
N ASP B 251 14.87 -1.58 24.68
CA ASP B 251 13.85 -2.03 25.62
C ASP B 251 12.47 -1.77 25.05
N LYS B 252 12.40 -0.94 24.02
CA LYS B 252 11.13 -0.61 23.38
C LYS B 252 11.13 -1.22 21.98
N PRO B 253 9.95 -1.49 21.43
CA PRO B 253 9.89 -2.07 20.09
C PRO B 253 10.67 -1.13 19.17
N VAL B 254 11.49 -1.67 18.28
CA VAL B 254 12.29 -0.80 17.41
C VAL B 254 11.51 0.28 16.67
N GLN B 255 10.25 0.01 16.31
CA GLN B 255 9.46 1.02 15.59
C GLN B 255 9.17 2.24 16.45
N ASP B 256 9.02 2.04 17.75
CA ASP B 256 8.76 3.18 18.63
C ASP B 256 10.03 4.01 18.76
N VAL B 257 11.18 3.34 18.78
CA VAL B 257 12.44 4.05 18.90
C VAL B 257 12.64 4.88 17.62
N ILE B 258 12.33 4.31 16.47
CA ILE B 258 12.48 5.03 15.20
C ILE B 258 11.53 6.24 15.20
N THR B 259 10.29 6.02 15.63
CA THR B 259 9.31 7.09 15.67
C THR B 259 9.77 8.23 16.57
N GLU B 260 10.29 7.90 17.75
CA GLU B 260 10.77 8.90 18.70
C GLU B 260 12.01 9.63 18.21
N LEU B 261 12.91 8.89 17.58
CA LEU B 261 14.16 9.44 17.07
C LEU B 261 13.93 10.38 15.89
N THR B 262 12.80 10.23 15.23
CA THR B 262 12.45 11.06 14.08
C THR B 262 11.26 11.96 14.35
N ALA B 263 10.73 11.89 15.57
CA ALA B 263 9.56 12.68 15.98
C ALA B 263 8.35 12.47 15.08
N GLY B 264 7.99 11.20 14.85
CA GLY B 264 6.84 10.92 14.02
C GLY B 264 7.02 9.78 13.05
N GLY B 265 8.26 9.39 12.79
CA GLY B 265 8.50 8.30 11.85
C GLY B 265 9.28 8.72 10.62
N VAL B 266 9.52 7.75 9.73
CA VAL B 266 10.27 8.03 8.51
C VAL B 266 9.33 8.13 7.32
N ASP B 267 9.81 8.74 6.24
CA ASP B 267 9.01 8.89 5.03
C ASP B 267 8.90 7.58 4.28
N TYR B 268 10.02 6.85 4.24
CA TYR B 268 10.09 5.57 3.53
C TYR B 268 10.76 4.48 4.36
N SER B 269 10.15 3.31 4.40
CA SER B 269 10.75 2.19 5.11
C SER B 269 10.85 1.11 4.02
N LEU B 270 11.90 0.30 4.11
CA LEU B 270 12.13 -0.79 3.16
C LEU B 270 12.46 -2.01 4.01
N ASP B 271 11.60 -3.03 3.95
CA ASP B 271 11.87 -4.23 4.72
C ASP B 271 12.66 -5.22 3.88
N CYS B 272 13.94 -5.35 4.21
CA CYS B 272 14.82 -6.27 3.50
C CYS B 272 15.18 -7.45 4.39
N ALA B 273 14.30 -7.74 5.35
CA ALA B 273 14.46 -8.86 6.29
C ALA B 273 13.28 -9.79 6.02
N GLY B 274 12.07 -9.27 6.22
CA GLY B 274 10.87 -10.03 5.92
C GLY B 274 10.24 -10.93 6.95
N THR B 275 10.45 -10.65 8.23
CA THR B 275 9.83 -11.48 9.26
C THR B 275 8.54 -10.78 9.65
N ALA B 276 7.65 -11.49 10.32
CA ALA B 276 6.38 -10.90 10.73
C ALA B 276 6.64 -9.64 11.55
N GLN B 277 7.72 -9.66 12.32
CA GLN B 277 8.10 -8.53 13.16
C GLN B 277 8.64 -7.33 12.38
N THR B 278 9.54 -7.55 11.43
CA THR B 278 10.08 -6.44 10.66
C THR B 278 8.97 -5.84 9.78
N LEU B 279 8.18 -6.70 9.15
CA LEU B 279 7.08 -6.24 8.30
C LEU B 279 6.15 -5.35 9.11
N LYS B 280 5.91 -5.73 10.36
CA LYS B 280 5.04 -4.95 11.24
C LYS B 280 5.76 -3.65 11.62
N ALA B 281 7.03 -3.76 11.97
CA ALA B 281 7.82 -2.59 12.34
C ALA B 281 7.98 -1.64 11.16
N ALA B 282 8.21 -2.20 9.97
CA ALA B 282 8.40 -1.41 8.75
C ALA B 282 7.23 -0.46 8.51
N VAL B 283 6.00 -0.92 8.80
CA VAL B 283 4.81 -0.10 8.61
C VAL B 283 4.65 0.90 9.76
N ASP B 284 4.76 0.40 10.99
CA ASP B 284 4.63 1.23 12.19
C ASP B 284 5.55 2.43 12.26
N CYS B 285 6.80 2.26 11.81
CA CYS B 285 7.78 3.33 11.89
C CYS B 285 7.67 4.46 10.86
N THR B 286 6.73 4.35 9.92
CA THR B 286 6.57 5.41 8.92
C THR B 286 5.65 6.50 9.45
N VAL B 287 5.81 7.71 8.92
CA VAL B 287 5.00 8.83 9.36
C VAL B 287 3.57 8.62 8.92
N LEU B 288 2.65 9.28 9.61
CA LEU B 288 1.25 9.21 9.24
C LEU B 288 1.09 10.18 8.08
N GLY B 289 0.00 10.09 7.35
CA GLY B 289 -0.23 10.99 6.24
C GLY B 289 0.32 10.52 4.91
N TRP B 290 1.61 10.18 4.88
CA TRP B 290 2.23 9.71 3.64
C TRP B 290 3.32 8.64 3.80
N GLY B 291 3.44 8.08 5.01
CA GLY B 291 4.44 7.04 5.24
C GLY B 291 4.33 5.92 4.22
N SER B 292 5.45 5.52 3.64
CA SER B 292 5.45 4.45 2.62
C SER B 292 6.33 3.27 3.00
N CYS B 293 5.73 2.09 3.06
CA CYS B 293 6.46 0.87 3.39
C CYS B 293 6.61 0.02 2.13
N THR B 294 7.84 -0.36 1.80
CA THR B 294 8.10 -1.18 0.63
C THR B 294 8.66 -2.54 1.04
N VAL B 295 7.89 -3.59 0.75
CA VAL B 295 8.30 -4.95 1.07
C VAL B 295 9.33 -5.46 0.06
N VAL B 296 10.49 -5.86 0.55
CA VAL B 296 11.53 -6.38 -0.35
C VAL B 296 11.79 -7.84 0.03
N GLY B 297 12.11 -8.06 1.30
CA GLY B 297 12.34 -9.41 1.76
C GLY B 297 11.05 -9.96 2.33
N ALA B 298 10.87 -11.28 2.29
CA ALA B 298 9.68 -11.90 2.83
C ALA B 298 9.94 -13.34 3.27
N LYS B 299 9.94 -13.57 4.58
CA LYS B 299 10.16 -14.90 5.13
C LYS B 299 8.85 -15.56 5.47
N VAL B 300 7.78 -14.78 5.44
CA VAL B 300 6.44 -15.27 5.73
C VAL B 300 5.53 -14.97 4.53
N ASP B 301 4.46 -15.74 4.40
CA ASP B 301 3.54 -15.57 3.28
C ASP B 301 2.56 -14.42 3.42
N GLU B 302 2.29 -13.99 4.65
CA GLU B 302 1.34 -12.91 4.85
C GLU B 302 1.83 -11.80 5.76
N MET B 303 1.14 -10.66 5.68
CA MET B 303 1.46 -9.53 6.53
C MET B 303 0.13 -8.93 6.95
N THR B 304 0.02 -8.61 8.24
CA THR B 304 -1.20 -8.03 8.77
C THR B 304 -1.06 -6.53 8.93
N ILE B 305 -1.91 -5.79 8.23
CA ILE B 305 -1.88 -4.33 8.29
C ILE B 305 -3.13 -3.79 8.97
N PRO B 306 -2.95 -2.99 10.04
CA PRO B 306 -4.15 -2.46 10.70
C PRO B 306 -4.88 -1.57 9.71
N THR B 307 -6.21 -1.64 9.71
CA THR B 307 -7.04 -0.85 8.79
C THR B 307 -6.81 0.64 9.04
N VAL B 308 -6.68 1.00 10.32
CA VAL B 308 -6.47 2.40 10.68
C VAL B 308 -5.21 3.02 10.06
N ASP B 309 -4.14 2.24 9.98
CA ASP B 309 -2.88 2.74 9.42
C ASP B 309 -3.06 3.26 8.01
N VAL B 310 -3.68 2.44 7.17
CA VAL B 310 -3.92 2.79 5.79
C VAL B 310 -4.86 4.00 5.68
N ILE B 311 -5.88 4.03 6.53
CA ILE B 311 -6.82 5.16 6.52
C ILE B 311 -6.11 6.46 6.91
N LEU B 312 -5.14 6.35 7.81
CA LEU B 312 -4.39 7.51 8.26
C LEU B 312 -3.19 7.90 7.39
N GLY B 313 -3.17 7.42 6.15
CA GLY B 313 -2.10 7.82 5.24
C GLY B 313 -0.92 6.92 4.93
N ARG B 314 -0.79 5.78 5.62
CA ARG B 314 0.34 4.91 5.31
C ARG B 314 -0.01 4.04 4.10
N SER B 315 0.97 3.79 3.25
CA SER B 315 0.76 2.98 2.06
C SER B 315 1.74 1.81 2.06
N ILE B 316 1.38 0.73 1.37
CA ILE B 316 2.25 -0.44 1.32
C ILE B 316 2.38 -0.96 -0.10
N ASN B 317 3.62 -1.27 -0.50
CA ASN B 317 3.86 -1.84 -1.82
C ASN B 317 5.02 -2.82 -1.72
N GLY B 318 5.39 -3.43 -2.84
CA GLY B 318 6.48 -4.40 -2.83
C GLY B 318 7.29 -4.35 -4.11
N THR B 319 8.51 -4.87 -4.07
CA THR B 319 9.35 -4.84 -5.25
C THR B 319 9.62 -6.23 -5.80
N PHE B 320 9.93 -6.27 -7.10
CA PHE B 320 10.28 -7.50 -7.81
C PHE B 320 11.51 -7.11 -8.60
N PHE B 321 12.66 -7.65 -8.22
CA PHE B 321 13.92 -7.31 -8.88
C PHE B 321 14.10 -5.80 -8.91
N GLY B 322 13.85 -5.16 -7.77
CA GLY B 322 14.01 -3.71 -7.68
C GLY B 322 13.24 -2.87 -8.67
N GLY B 323 12.24 -3.47 -9.33
CA GLY B 323 11.43 -2.75 -10.29
C GLY B 323 12.11 -2.42 -11.62
N TRP B 324 13.31 -2.96 -11.83
CA TRP B 324 14.04 -2.69 -13.06
C TRP B 324 13.56 -3.48 -14.27
N LYS B 325 13.49 -2.81 -15.41
CA LYS B 325 13.17 -3.51 -16.65
C LYS B 325 14.56 -4.16 -16.84
N SER B 326 14.68 -5.40 -16.41
CA SER B 326 15.94 -6.13 -16.44
C SER B 326 16.87 -5.95 -17.64
N VAL B 327 16.44 -6.42 -18.81
CA VAL B 327 17.28 -6.32 -20.01
C VAL B 327 17.73 -4.89 -20.31
N ASP B 328 16.84 -3.92 -20.16
CA ASP B 328 17.21 -2.52 -20.44
C ASP B 328 18.01 -1.86 -19.32
N SER B 329 17.69 -2.22 -18.08
CA SER B 329 18.33 -1.61 -16.91
C SER B 329 19.68 -2.18 -16.47
N VAL B 330 19.82 -3.49 -16.51
CA VAL B 330 21.07 -4.13 -16.08
C VAL B 330 22.31 -3.50 -16.71
N PRO B 331 22.33 -3.33 -18.04
CA PRO B 331 23.52 -2.72 -18.65
C PRO B 331 23.85 -1.35 -18.03
N ASN B 332 22.82 -0.58 -17.67
CA ASN B 332 23.03 0.74 -17.08
C ASN B 332 23.62 0.70 -15.67
N LEU B 333 23.21 -0.30 -14.89
CA LEU B 333 23.72 -0.44 -13.53
C LEU B 333 25.22 -0.74 -13.59
N VAL B 334 25.63 -1.53 -14.58
CA VAL B 334 27.03 -1.87 -14.75
C VAL B 334 27.82 -0.59 -15.07
N SER B 335 27.28 0.23 -15.96
CA SER B 335 27.93 1.47 -16.32
C SER B 335 28.09 2.37 -15.10
N ASP B 336 27.06 2.46 -14.28
CA ASP B 336 27.11 3.29 -13.08
C ASP B 336 28.22 2.84 -12.15
N TYR B 337 28.42 1.55 -12.06
CA TYR B 337 29.49 1.02 -11.21
C TYR B 337 30.82 1.40 -11.84
N LYS B 338 30.90 1.28 -13.15
CA LYS B 338 32.12 1.62 -13.86
C LYS B 338 32.44 3.07 -13.55
N ASN B 339 31.42 3.92 -13.56
CA ASN B 339 31.59 5.34 -13.30
C ASN B 339 31.69 5.66 -11.81
N LYS B 340 31.70 4.62 -10.99
CA LYS B 340 31.81 4.77 -9.54
C LYS B 340 30.62 5.48 -8.89
N LYS B 341 29.44 5.27 -9.46
CA LYS B 341 28.23 5.88 -8.90
C LYS B 341 28.00 5.23 -7.54
N PHE B 342 28.49 4.00 -7.41
CA PHE B 342 28.39 3.24 -6.18
C PHE B 342 29.48 2.18 -6.22
N ASP B 343 29.81 1.58 -5.08
CA ASP B 343 30.86 0.57 -5.03
C ASP B 343 30.39 -0.79 -4.54
N LEU B 344 30.30 -1.73 -5.48
CA LEU B 344 29.87 -3.08 -5.20
C LEU B 344 30.88 -3.89 -4.38
N ASP B 345 32.15 -3.48 -4.41
CA ASP B 345 33.18 -4.22 -3.68
C ASP B 345 32.82 -4.41 -2.22
N LEU B 346 32.17 -3.42 -1.62
CA LEU B 346 31.78 -3.51 -0.22
C LEU B 346 30.79 -4.62 0.08
N LEU B 347 30.05 -5.05 -0.94
CA LEU B 347 29.05 -6.10 -0.75
C LEU B 347 29.66 -7.50 -0.76
N VAL B 348 30.87 -7.64 -1.27
CA VAL B 348 31.54 -8.94 -1.30
C VAL B 348 32.41 -9.06 -0.06
N THR B 349 32.04 -10.00 0.81
CA THR B 349 32.78 -10.21 2.04
C THR B 349 33.72 -11.41 1.99
N HIS B 350 33.43 -12.36 1.12
CA HIS B 350 34.27 -13.56 0.99
C HIS B 350 34.39 -14.00 -0.47
N ALA B 351 35.27 -14.96 -0.69
CA ALA B 351 35.49 -15.55 -2.00
C ALA B 351 35.85 -17.02 -1.76
N LEU B 352 35.27 -17.91 -2.53
CA LEU B 352 35.55 -19.33 -2.38
C LEU B 352 35.50 -20.04 -3.72
N PRO B 353 36.23 -21.16 -3.85
CA PRO B 353 36.21 -21.89 -5.12
C PRO B 353 34.79 -22.46 -5.25
N PHE B 354 34.26 -22.55 -6.46
CA PHE B 354 32.91 -23.09 -6.65
C PHE B 354 32.64 -24.38 -5.87
N GLU B 355 33.60 -25.31 -5.89
CA GLU B 355 33.45 -26.59 -5.19
C GLU B 355 33.16 -26.44 -3.70
N SER B 356 33.50 -25.28 -3.15
CA SER B 356 33.26 -25.03 -1.73
C SER B 356 31.95 -24.29 -1.53
N ILE B 357 31.01 -24.51 -2.44
CA ILE B 357 29.72 -23.83 -2.37
C ILE B 357 29.00 -24.08 -1.04
N ASN B 358 29.05 -25.29 -0.54
CA ASN B 358 28.38 -25.57 0.73
C ASN B 358 28.97 -24.78 1.89
N ASP B 359 30.23 -24.38 1.78
CA ASP B 359 30.87 -23.58 2.83
C ASP B 359 30.35 -22.15 2.72
N ALA B 360 30.07 -21.71 1.50
CA ALA B 360 29.54 -20.36 1.30
C ALA B 360 28.14 -20.33 1.91
N ILE B 361 27.41 -21.42 1.74
CA ILE B 361 26.05 -21.51 2.27
C ILE B 361 26.08 -21.44 3.80
N ASP B 362 26.98 -22.20 4.42
CA ASP B 362 27.08 -22.18 5.89
C ASP B 362 27.41 -20.79 6.43
N LEU B 363 28.30 -20.08 5.74
CA LEU B 363 28.68 -18.72 6.14
C LEU B 363 27.44 -17.84 6.18
N MET B 364 26.63 -17.93 5.12
CA MET B 364 25.43 -17.15 5.02
C MET B 364 24.47 -17.44 6.18
N LYS B 365 24.29 -18.72 6.50
CA LYS B 365 23.40 -19.08 7.59
C LYS B 365 23.90 -18.64 8.96
N GLU B 366 25.23 -18.54 9.11
CA GLU B 366 25.81 -18.09 10.37
C GLU B 366 25.72 -16.58 10.47
N GLY B 367 25.23 -15.94 9.41
CA GLY B 367 25.12 -14.49 9.39
C GLY B 367 26.48 -13.83 9.30
N LYS B 368 27.49 -14.60 8.92
CA LYS B 368 28.86 -14.09 8.80
C LYS B 368 29.17 -13.42 7.48
N SER B 369 28.25 -13.43 6.53
CA SER B 369 28.56 -12.80 5.26
C SER B 369 27.44 -11.99 4.62
N ILE B 370 27.84 -11.19 3.64
CA ILE B 370 26.91 -10.39 2.87
C ILE B 370 26.80 -11.23 1.61
N ARG B 371 27.88 -11.28 0.83
CA ARG B 371 27.92 -12.07 -0.39
C ARG B 371 29.26 -12.77 -0.54
N THR B 372 29.22 -14.08 -0.84
CA THR B 372 30.44 -14.83 -1.04
C THR B 372 30.50 -15.17 -2.53
N ILE B 373 31.51 -14.62 -3.20
CA ILE B 373 31.67 -14.88 -4.63
C ILE B 373 32.25 -16.29 -4.84
N LEU B 374 31.64 -17.05 -5.73
CA LEU B 374 32.12 -18.39 -6.05
C LEU B 374 32.77 -18.30 -7.43
N THR B 375 34.05 -18.66 -7.50
CA THR B 375 34.78 -18.62 -8.75
C THR B 375 35.21 -19.99 -9.27
N PHE B 376 35.63 -20.01 -10.53
CA PHE B 376 36.07 -21.25 -11.16
C PHE B 376 37.51 -21.10 -11.65
#